data_2OS8
#
_entry.id   2OS8
#
_cell.length_a   85.567
_cell.length_b   50.359
_cell.length_c   161.621
_cell.angle_alpha   90.000
_cell.angle_beta   98.720
_cell.angle_gamma   90.000
#
_symmetry.space_group_name_H-M   'P 1 21 1'
#
loop_
_entity.id
_entity.type
_entity.pdbx_description
1 polymer 'Myosin heavy chain'
2 polymer 'Myosin regulatory light chain'
3 polymer 'Myosin essential light chain'
4 non-polymer 'MAGNESIUM ION'
5 non-polymer 'CALCIUM ION'
#
loop_
_entity_poly.entity_id
_entity_poly.type
_entity_poly.pdbx_seq_one_letter_code
_entity_poly.pdbx_strand_id
1 'polypeptide(L)'
;MNIDFNDPDFQYLAVDRKKMMKEQTAPFDGKKNCWVPDPKEGFASAEIQSSKGEEITVKIVSDNSTRTVKKDDIQQMNPP
KFEKLEDMANMTYLNEASVLNNLRGRYTAGLIYTYSGLFCIAVNPYRRLPIYTDSVIAKYRGKRKTEIPPHLFSVADNAY
QNMVTDRENQSCLITGESGAGKTESTKKVIMYFARVAANLYKQKEEPVPNLRASNLEDQIIEANPVLEAFGNAKTVRNNN
SSRFGKFIRIHFGPTGKIAGADIETYLLEKSRVTYQQSAERNYHIFYQICSNAIPELNEVMLITPDSGLYSFINQGCLTV
DNIDDVEEFKLCDEAFDILGFTKEEKTSMFKCTASILHMGEMKFKQRPREEQAESDGTAEAEKVAFLCGINAGDLLKALL
KPKVKVGTEMVTKGQNLQQVINSVGALSKSLYDRMFNWLVKRVNRTLDTKAKRNYYIGVLDIAGFEIFDFNSFEQLCINY
TNERLQQFFNHHMFVLEQEEYKKEGIQWEFIDFGMDLQMCIDLIEKPMGILSILEEECMFPKADDKSFQDYSYQNHIGKN
RMFTKPGKPTRPNQGHAHFELHHYAGNVPYSIAGWLDKNKDPINENVVSLLAVSKEPLVAELFRAPDEPAGGAGGKKKKK
SSAFQTISAVHRESLNKLMCNLRRTNPHFVRCIIPNLEKDPGLVDAELVLHQLQCNGVLEGIRICRKGFPSRLIYSEFKQ
RYSILAPNAIPQGFVDGKTVSEKILTGLQMDPSEYRLGTTKVFFKAGVLGNLEEMRDERLSKIISMFQAHIRGYLIRKAY
KKLQDQRIGLSVIQRNIRKWLVLRNWQWWKLYAKVKPLLS
;
A
2 'polypeptide(L)'
;MADKAASGVLTKLPQKQIQEMKEAFTMIDQNRDGFIDINDLKEMFSSLGRTPDDKELTAMLKEAPGPLNFTMFLSIFSDK
LSGTDSEETIRNAFGMFDELDTKKLNIEYIKDLLENMGDNFNKDEMRMTFKEAPVEGGKFDYVRFVAMIKGSGDDDA
;
B
3 'polypeptide(L)'
;MPKLSQDEIDDLKEVFELFDFWDGRDGAVDAFKIGDVCRCLGINPRNEDVFAVGGTHKMGEKSLPFEEFLPAYEGLMDCE
QGTYADYMEAFKTFDREGQGFISGAELRHVLSGLGERLSDEEVDEIINLTDLQEDLEGNVKYEEFVKKVMTGPYPDK
;
C
#
loop_
_chem_comp.id
_chem_comp.type
_chem_comp.name
_chem_comp.formula
CA non-polymer 'CALCIUM ION' 'Ca 2'
MG non-polymer 'MAGNESIUM ION' 'Mg 2'
#
# COMPACT_ATOMS: atom_id res chain seq x y z
N ASN A 6 8.15 11.14 -17.86
CA ASN A 6 7.80 12.12 -16.79
C ASN A 6 7.15 13.34 -17.44
N ASP A 7 7.00 13.30 -18.77
CA ASP A 7 6.41 14.39 -19.52
C ASP A 7 4.99 14.74 -19.07
N PRO A 8 4.51 15.96 -19.40
CA PRO A 8 3.17 16.43 -19.04
C PRO A 8 2.02 15.48 -19.45
N ASP A 9 2.31 14.48 -20.30
CA ASP A 9 1.28 13.55 -20.75
C ASP A 9 0.98 12.53 -19.65
N PHE A 10 2.04 11.92 -19.14
CA PHE A 10 1.92 10.96 -18.09
C PHE A 10 1.49 11.70 -16.84
N GLN A 11 1.32 13.02 -16.98
CA GLN A 11 0.90 13.91 -15.91
C GLN A 11 -0.20 13.27 -15.06
N TYR A 12 -1.08 12.51 -15.72
CA TYR A 12 -2.15 11.84 -15.01
C TYR A 12 -2.03 10.33 -15.06
N LEU A 13 -0.84 9.81 -15.30
CA LEU A 13 -0.66 8.37 -15.32
C LEU A 13 0.15 7.83 -14.16
N ALA A 14 1.34 8.37 -13.95
CA ALA A 14 2.20 7.89 -12.88
C ALA A 14 2.46 9.12 -12.03
N VAL A 15 2.76 8.93 -10.75
CA VAL A 15 3.05 10.07 -9.91
C VAL A 15 4.51 10.47 -10.12
N ASP A 16 4.74 11.77 -10.22
CA ASP A 16 6.07 12.32 -10.41
C ASP A 16 7.04 11.66 -9.44
N ARG A 17 8.15 11.15 -9.97
CA ARG A 17 9.19 10.48 -9.18
C ARG A 17 9.59 11.26 -7.91
N LYS A 18 9.13 12.50 -7.79
CA LYS A 18 9.42 13.34 -6.63
C LYS A 18 8.87 12.75 -5.34
N LYS A 19 7.56 12.55 -5.29
CA LYS A 19 6.92 12.00 -4.10
C LYS A 19 7.40 10.58 -3.75
N MET A 20 8.37 10.08 -4.50
CA MET A 20 8.94 8.76 -4.22
C MET A 20 10.12 9.08 -3.30
N MET A 21 10.87 10.10 -3.71
CA MET A 21 12.05 10.56 -2.99
C MET A 21 11.60 11.49 -1.87
N LYS A 22 10.34 11.93 -1.96
CA LYS A 22 9.79 12.85 -0.97
C LYS A 22 8.96 12.19 0.13
N GLU A 23 8.79 10.88 0.06
CA GLU A 23 8.04 10.17 1.09
C GLU A 23 8.91 10.42 2.32
N GLN A 24 8.34 10.71 3.48
CA GLN A 24 9.19 10.96 4.64
C GLN A 24 8.66 10.46 5.98
N THR A 25 7.59 11.08 6.46
CA THR A 25 6.95 10.74 7.76
C THR A 25 7.20 9.30 8.21
N ALA A 26 6.62 8.35 7.47
CA ALA A 26 6.73 6.92 7.77
C ALA A 26 8.10 6.27 7.55
N PRO A 27 8.41 5.28 8.39
CA PRO A 27 9.65 4.51 8.38
C PRO A 27 9.28 3.03 8.28
N PHE A 28 7.99 2.81 8.51
CA PHE A 28 7.33 1.52 8.53
C PHE A 28 7.96 0.75 9.66
N ASP A 29 7.46 1.01 10.85
CA ASP A 29 7.89 0.35 12.07
C ASP A 29 7.20 -0.98 11.86
N GLY A 30 7.39 -1.51 10.66
CA GLY A 30 6.79 -2.77 10.23
C GLY A 30 6.21 -3.69 11.26
N LYS A 31 6.85 -3.71 12.41
CA LYS A 31 6.43 -4.54 13.51
C LYS A 31 5.05 -4.10 14.03
N LYS A 32 4.78 -2.79 13.99
CA LYS A 32 3.49 -2.27 14.49
C LYS A 32 2.43 -1.76 13.49
N ASN A 33 2.71 -0.67 12.78
CA ASN A 33 1.74 -0.10 11.84
C ASN A 33 1.04 -1.05 10.87
N CYS A 34 -0.22 -1.36 11.15
CA CYS A 34 -1.00 -2.25 10.29
C CYS A 34 -2.42 -1.72 10.12
N TRP A 35 -3.12 -2.23 9.11
CA TRP A 35 -4.50 -1.84 8.81
C TRP A 35 -5.49 -2.39 9.81
N VAL A 36 -6.55 -1.61 10.07
CA VAL A 36 -7.57 -2.04 11.01
C VAL A 36 -8.97 -1.79 10.44
N PRO A 37 -9.94 -2.65 10.82
CA PRO A 37 -11.32 -2.55 10.36
C PRO A 37 -12.09 -1.36 10.91
N ASP A 38 -12.18 -0.32 10.09
CA ASP A 38 -12.87 0.92 10.42
C ASP A 38 -14.34 0.77 10.01
N PRO A 39 -15.27 1.12 10.91
CA PRO A 39 -16.68 1.00 10.54
C PRO A 39 -17.08 2.19 9.68
N LYS A 40 -16.25 3.23 9.69
CA LYS A 40 -16.51 4.43 8.91
C LYS A 40 -15.67 4.51 7.64
N GLU A 41 -14.49 3.90 7.65
CA GLU A 41 -13.63 3.90 6.48
C GLU A 41 -13.16 2.50 6.07
N GLY A 42 -13.80 1.48 6.61
CA GLY A 42 -13.48 0.10 6.26
C GLY A 42 -12.15 -0.48 6.69
N PHE A 43 -11.09 0.31 6.63
CA PHE A 43 -9.75 -0.13 7.00
C PHE A 43 -8.85 1.08 7.20
N ALA A 44 -8.60 1.48 8.45
CA ALA A 44 -7.74 2.63 8.70
C ALA A 44 -6.38 2.20 9.23
N SER A 45 -5.38 3.06 9.01
CA SER A 45 -4.01 2.82 9.45
C SER A 45 -3.84 2.87 10.96
N ALA A 46 -2.94 2.05 11.50
CA ALA A 46 -2.72 1.98 12.94
C ALA A 46 -1.28 1.65 13.35
N GLU A 47 -1.09 1.39 14.65
CA GLU A 47 0.19 1.00 15.25
C GLU A 47 -0.17 0.29 16.56
N ILE A 48 0.59 -0.74 16.93
CA ILE A 48 0.28 -1.49 18.15
C ILE A 48 1.07 -1.10 19.39
N GLN A 49 0.65 -1.65 20.53
CA GLN A 49 1.32 -1.39 21.79
C GLN A 49 1.58 -2.64 22.60
N SER A 50 0.52 -3.25 23.14
CA SER A 50 0.62 -4.46 23.95
C SER A 50 -0.36 -5.57 23.58
N SER A 51 0.18 -6.76 23.34
CA SER A 51 -0.64 -7.91 22.97
C SER A 51 -0.91 -8.79 24.19
N LYS A 52 -2.19 -8.98 24.51
CA LYS A 52 -2.58 -9.81 25.65
C LYS A 52 -2.76 -11.27 25.22
N GLY A 53 -3.92 -11.57 24.66
CA GLY A 53 -4.14 -12.85 24.01
C GLY A 53 -4.65 -12.71 22.59
N GLU A 54 -5.72 -13.41 22.27
CA GLU A 54 -6.45 -13.18 21.03
C GLU A 54 -7.13 -11.81 21.03
N GLU A 55 -6.68 -10.94 21.93
CA GLU A 55 -7.10 -9.54 21.91
C GLU A 55 -5.91 -8.60 21.84
N ILE A 56 -6.12 -7.42 21.26
CA ILE A 56 -5.06 -6.44 21.10
C ILE A 56 -5.55 -5.03 21.42
N THR A 57 -4.76 -4.31 22.21
CA THR A 57 -5.06 -2.93 22.59
C THR A 57 -4.38 -2.07 21.52
N VAL A 58 -5.15 -1.20 20.86
CA VAL A 58 -4.54 -0.41 19.79
C VAL A 58 -5.05 1.01 19.57
N LYS A 59 -4.16 1.87 19.08
CA LYS A 59 -4.46 3.27 18.83
C LYS A 59 -4.36 3.54 17.32
N ILE A 60 -5.01 4.59 16.83
CA ILE A 60 -5.02 4.95 15.40
C ILE A 60 -4.05 6.08 15.01
N VAL A 61 -3.84 6.28 13.72
CA VAL A 61 -2.92 7.31 13.24
C VAL A 61 -3.45 8.73 13.27
N SER A 62 -4.21 9.13 12.25
CA SER A 62 -4.73 10.50 12.25
C SER A 62 -5.41 10.72 13.59
N ASP A 63 -6.14 9.71 14.04
CA ASP A 63 -6.83 9.73 15.33
C ASP A 63 -5.84 9.17 16.36
N ASN A 64 -6.33 8.79 17.53
CA ASN A 64 -5.49 8.23 18.57
C ASN A 64 -6.42 7.39 19.45
N SER A 65 -7.44 6.86 18.81
CA SER A 65 -8.46 6.04 19.43
C SER A 65 -7.93 4.67 19.84
N THR A 66 -8.05 4.37 21.14
CA THR A 66 -7.58 3.09 21.66
C THR A 66 -8.66 2.01 21.52
N ARG A 67 -8.60 1.28 20.42
CA ARG A 67 -9.56 0.20 20.16
C ARG A 67 -9.01 -1.13 20.67
N THR A 68 -9.92 -2.06 20.96
CA THR A 68 -9.54 -3.42 21.31
C THR A 68 -9.95 -4.41 20.24
N VAL A 69 -9.00 -4.79 19.39
CA VAL A 69 -9.30 -5.61 18.22
C VAL A 69 -8.82 -7.04 18.40
N LYS A 70 -9.35 -7.94 17.59
CA LYS A 70 -8.96 -9.36 17.65
C LYS A 70 -7.72 -9.60 16.79
N LYS A 71 -7.00 -10.67 17.10
CA LYS A 71 -5.78 -11.04 16.39
C LYS A 71 -6.06 -11.54 14.97
N ASP A 72 -7.34 -11.58 14.61
CA ASP A 72 -7.75 -12.05 13.28
C ASP A 72 -8.09 -10.85 12.41
N ASP A 73 -8.89 -9.94 12.96
CA ASP A 73 -9.33 -8.74 12.25
C ASP A 73 -8.14 -7.84 11.96
N ILE A 74 -6.98 -8.19 12.51
CA ILE A 74 -5.77 -7.41 12.31
C ILE A 74 -5.13 -7.74 10.96
N GLN A 75 -5.01 -6.75 10.08
CA GLN A 75 -4.41 -6.98 8.76
C GLN A 75 -3.05 -6.36 8.61
N GLN A 76 -2.16 -7.03 7.87
CA GLN A 76 -0.81 -6.57 7.62
C GLN A 76 -0.73 -5.42 6.65
N MET A 77 0.26 -4.55 6.84
CA MET A 77 0.43 -3.36 6.01
C MET A 77 1.61 -3.43 5.05
N ASN A 78 1.40 -3.11 3.78
CA ASN A 78 2.51 -3.16 2.83
C ASN A 78 3.42 -1.98 3.17
N PRO A 79 4.74 -2.20 3.20
CA PRO A 79 5.73 -1.18 3.51
C PRO A 79 5.80 -0.08 2.47
N PRO A 80 6.06 1.16 2.91
CA PRO A 80 6.17 2.37 2.09
C PRO A 80 6.56 2.04 0.66
N LYS A 81 7.53 1.15 0.52
CA LYS A 81 8.01 0.70 -0.79
C LYS A 81 6.86 0.54 -1.78
N PHE A 82 6.11 -0.54 -1.61
CA PHE A 82 4.99 -0.87 -2.47
C PHE A 82 3.83 0.11 -2.44
N GLU A 83 4.07 1.42 -2.43
CA GLU A 83 2.91 2.31 -2.38
C GLU A 83 2.51 2.92 -3.73
N LYS A 84 1.23 3.20 -3.88
CA LYS A 84 0.70 3.73 -5.13
C LYS A 84 1.26 2.82 -6.21
N LEU A 85 1.56 1.59 -5.80
CA LEU A 85 2.12 0.57 -6.68
C LEU A 85 1.22 0.27 -7.87
N GLU A 86 1.85 0.05 -9.02
CA GLU A 86 1.11 -0.24 -10.23
C GLU A 86 0.39 -1.57 -10.14
N ASP A 87 0.95 -2.63 -10.73
CA ASP A 87 0.29 -3.93 -10.63
C ASP A 87 0.28 -4.37 -9.18
N MET A 88 -0.90 -4.56 -8.63
CA MET A 88 -1.02 -4.94 -7.23
C MET A 88 -0.75 -6.40 -6.87
N ALA A 89 -0.57 -7.26 -7.86
CA ALA A 89 -0.26 -8.64 -7.53
C ALA A 89 1.20 -8.67 -7.10
N ASN A 90 1.83 -7.51 -7.09
CA ASN A 90 3.22 -7.41 -6.69
C ASN A 90 3.44 -7.02 -5.22
N MET A 91 2.39 -6.59 -4.52
CA MET A 91 2.50 -6.26 -3.11
C MET A 91 3.04 -7.50 -2.40
N THR A 92 3.62 -7.35 -1.21
CA THR A 92 4.14 -8.50 -0.49
C THR A 92 3.00 -9.07 0.30
N TYR A 93 2.30 -8.18 0.99
CA TYR A 93 1.15 -8.61 1.72
C TYR A 93 0.04 -8.39 0.69
N LEU A 94 -0.97 -9.26 0.72
CA LEU A 94 -2.03 -9.20 -0.26
C LEU A 94 -3.39 -9.47 0.34
N ASN A 95 -4.02 -8.44 0.87
CA ASN A 95 -5.35 -8.56 1.46
C ASN A 95 -6.27 -7.47 0.92
N GLU A 96 -7.42 -7.29 1.56
CA GLU A 96 -8.40 -6.28 1.16
C GLU A 96 -7.83 -4.88 1.43
N ALA A 97 -7.79 -4.49 2.71
CA ALA A 97 -7.26 -3.19 3.09
C ALA A 97 -6.13 -2.82 2.17
N SER A 98 -5.06 -3.60 2.20
CA SER A 98 -3.92 -3.32 1.35
C SER A 98 -4.37 -3.06 -0.08
N VAL A 99 -5.30 -3.87 -0.58
CA VAL A 99 -5.78 -3.66 -1.94
C VAL A 99 -6.58 -2.38 -1.94
N LEU A 100 -7.62 -2.35 -1.10
CA LEU A 100 -8.48 -1.19 -0.98
C LEU A 100 -7.64 0.07 -1.10
N ASN A 101 -6.70 0.23 -0.18
CA ASN A 101 -5.84 1.40 -0.16
C ASN A 101 -5.14 1.74 -1.46
N ASN A 102 -4.18 0.93 -1.89
CA ASN A 102 -3.48 1.28 -3.11
C ASN A 102 -4.40 1.84 -4.19
N LEU A 103 -5.68 1.50 -4.14
CA LEU A 103 -6.64 1.99 -5.12
C LEU A 103 -7.11 3.39 -4.72
N ARG A 104 -7.39 3.56 -3.43
CA ARG A 104 -7.85 4.83 -2.84
C ARG A 104 -6.66 5.78 -2.88
N GLY A 105 -5.47 5.21 -2.76
CA GLY A 105 -4.26 5.99 -2.78
C GLY A 105 -3.97 6.58 -4.16
N ARG A 106 -4.03 5.75 -5.20
CA ARG A 106 -3.81 6.24 -6.55
C ARG A 106 -4.98 7.16 -6.88
N TYR A 107 -6.19 6.79 -6.45
CA TYR A 107 -7.37 7.61 -6.69
C TYR A 107 -7.12 8.93 -5.98
N THR A 108 -6.80 8.87 -4.69
CA THR A 108 -6.51 10.09 -3.95
C THR A 108 -5.18 10.61 -4.50
N ALA A 109 -5.19 10.91 -5.78
CA ALA A 109 -4.04 11.39 -6.51
C ALA A 109 -4.41 11.28 -7.97
N GLY A 110 -5.69 11.49 -8.24
CA GLY A 110 -6.19 11.45 -9.61
C GLY A 110 -6.06 10.14 -10.38
N LEU A 111 -5.10 9.29 -10.02
CA LEU A 111 -4.90 8.01 -10.70
C LEU A 111 -6.15 7.12 -10.66
N ILE A 112 -6.50 6.55 -11.81
CA ILE A 112 -7.70 5.73 -11.88
C ILE A 112 -7.57 4.43 -12.69
N TYR A 113 -6.36 3.90 -12.79
CA TYR A 113 -6.14 2.64 -13.49
C TYR A 113 -5.08 1.86 -12.74
N THR A 114 -5.32 0.56 -12.60
CA THR A 114 -4.37 -0.27 -11.89
C THR A 114 -4.50 -1.69 -12.36
N TYR A 115 -3.43 -2.46 -12.21
CA TYR A 115 -3.44 -3.85 -12.60
C TYR A 115 -3.49 -4.72 -11.36
N SER A 116 -4.55 -5.50 -11.22
CA SER A 116 -4.66 -6.40 -10.09
C SER A 116 -4.42 -7.73 -10.75
N GLY A 117 -3.15 -8.06 -10.92
CA GLY A 117 -2.79 -9.32 -11.54
C GLY A 117 -2.99 -9.25 -13.04
N LEU A 118 -4.15 -9.73 -13.48
CA LEU A 118 -4.54 -9.71 -14.90
C LEU A 118 -5.60 -8.62 -15.06
N PHE A 119 -6.54 -8.59 -14.10
CA PHE A 119 -7.60 -7.60 -14.09
C PHE A 119 -7.06 -6.18 -14.15
N CYS A 120 -7.68 -5.34 -14.96
CA CYS A 120 -7.29 -3.96 -15.00
C CYS A 120 -8.41 -3.25 -14.30
N ILE A 121 -8.09 -2.54 -13.24
CA ILE A 121 -9.10 -1.83 -12.47
C ILE A 121 -9.15 -0.38 -12.92
N ALA A 122 -10.33 0.22 -12.81
CA ALA A 122 -10.52 1.61 -13.19
C ALA A 122 -11.68 2.19 -12.42
N VAL A 123 -11.51 3.43 -12.00
CA VAL A 123 -12.52 4.18 -11.25
C VAL A 123 -13.00 5.42 -12.03
N ASN A 124 -14.29 5.68 -11.96
CA ASN A 124 -14.91 6.84 -12.62
C ASN A 124 -14.37 8.09 -11.95
N PRO A 125 -13.86 9.04 -12.76
CA PRO A 125 -13.31 10.29 -12.21
C PRO A 125 -14.36 11.37 -11.84
N TYR A 126 -15.51 11.34 -12.52
CA TYR A 126 -16.58 12.32 -12.33
C TYR A 126 -16.13 13.64 -12.92
N ARG A 127 -14.95 13.59 -13.54
CA ARG A 127 -14.36 14.75 -14.16
C ARG A 127 -13.53 14.28 -15.35
N ARG A 128 -14.07 14.46 -16.55
CA ARG A 128 -13.36 14.09 -17.76
C ARG A 128 -11.98 14.73 -17.69
N LEU A 129 -10.95 13.97 -18.03
CA LEU A 129 -9.59 14.48 -17.95
C LEU A 129 -8.79 14.19 -19.22
N PRO A 130 -7.67 14.90 -19.42
CA PRO A 130 -6.83 14.69 -20.62
C PRO A 130 -6.67 13.23 -20.99
N ILE A 131 -6.32 12.44 -19.99
CA ILE A 131 -6.10 11.01 -20.09
C ILE A 131 -6.14 10.35 -21.49
N TYR A 132 -7.16 10.62 -22.29
CA TYR A 132 -7.25 10.02 -23.62
C TYR A 132 -6.89 11.01 -24.74
N THR A 133 -5.80 10.71 -25.46
CA THR A 133 -5.34 11.55 -26.56
C THR A 133 -4.54 10.74 -27.55
N ASP A 134 -4.49 11.22 -28.79
CA ASP A 134 -3.74 10.52 -29.85
C ASP A 134 -2.28 10.39 -29.47
N SER A 135 -1.75 11.39 -28.77
CA SER A 135 -0.35 11.38 -28.36
C SER A 135 -0.12 10.19 -27.44
N VAL A 136 -0.98 10.06 -26.43
CA VAL A 136 -0.89 8.95 -25.49
C VAL A 136 -1.05 7.67 -26.29
N ILE A 137 -2.11 7.62 -27.10
CA ILE A 137 -2.38 6.46 -27.93
C ILE A 137 -1.14 6.14 -28.76
N ALA A 138 -0.47 7.19 -29.22
CA ALA A 138 0.74 7.06 -30.02
C ALA A 138 1.87 6.43 -29.24
N LYS A 139 1.88 6.66 -27.93
CA LYS A 139 2.90 6.12 -27.06
C LYS A 139 2.68 4.62 -26.79
N TYR A 140 1.54 4.27 -26.20
CA TYR A 140 1.20 2.87 -25.91
C TYR A 140 1.29 2.03 -27.18
N ARG A 141 0.71 2.57 -28.25
CA ARG A 141 0.68 1.93 -29.57
C ARG A 141 1.82 0.93 -29.75
N GLY A 142 1.57 -0.33 -29.40
CA GLY A 142 2.59 -1.35 -29.55
C GLY A 142 3.33 -1.78 -28.30
N LYS A 143 3.34 -0.94 -27.26
CA LYS A 143 4.04 -1.24 -26.02
C LYS A 143 3.38 -2.33 -25.15
N ARG A 144 4.17 -3.32 -24.78
CA ARG A 144 3.72 -4.42 -23.93
C ARG A 144 3.39 -3.92 -22.52
N LYS A 145 2.55 -4.68 -21.82
CA LYS A 145 2.10 -4.37 -20.46
C LYS A 145 3.09 -3.65 -19.56
N THR A 146 4.19 -4.33 -19.26
CA THR A 146 5.25 -3.84 -18.39
C THR A 146 6.03 -2.61 -18.85
N GLU A 147 5.64 -2.01 -19.96
CA GLU A 147 6.36 -0.84 -20.45
C GLU A 147 5.83 0.51 -19.99
N ILE A 148 4.53 0.69 -19.99
CA ILE A 148 3.98 1.97 -19.55
C ILE A 148 2.84 1.79 -18.56
N PRO A 149 2.61 2.81 -17.70
CA PRO A 149 1.59 2.88 -16.66
C PRO A 149 0.29 2.10 -16.85
N PRO A 150 -0.57 2.10 -15.82
CA PRO A 150 -1.84 1.38 -15.93
C PRO A 150 -2.80 2.16 -16.80
N HIS A 151 -3.36 1.53 -17.83
CA HIS A 151 -4.29 2.26 -18.69
C HIS A 151 -5.11 1.39 -19.64
N LEU A 152 -6.41 1.67 -19.71
CA LEU A 152 -7.31 0.90 -20.54
C LEU A 152 -6.75 0.67 -21.93
N PHE A 153 -6.04 1.66 -22.46
CA PHE A 153 -5.47 1.53 -23.79
C PHE A 153 -4.54 0.33 -23.86
N SER A 154 -3.90 0.03 -22.74
CA SER A 154 -2.99 -1.09 -22.68
C SER A 154 -3.72 -2.40 -23.04
N VAL A 155 -4.83 -2.66 -22.36
CA VAL A 155 -5.63 -3.88 -22.60
C VAL A 155 -5.93 -4.05 -24.07
N ALA A 156 -6.31 -2.95 -24.71
CA ALA A 156 -6.65 -2.94 -26.12
C ALA A 156 -5.52 -3.40 -27.02
N ASP A 157 -4.55 -2.54 -27.26
CA ASP A 157 -3.46 -2.92 -28.14
C ASP A 157 -3.01 -4.32 -27.80
N ASN A 158 -2.83 -4.58 -26.51
CA ASN A 158 -2.41 -5.90 -26.05
C ASN A 158 -3.41 -6.96 -26.48
N ALA A 159 -4.65 -6.54 -26.73
CA ALA A 159 -5.72 -7.43 -27.20
C ALA A 159 -5.53 -7.49 -28.70
N TYR A 160 -5.23 -6.33 -29.28
CA TYR A 160 -4.99 -6.18 -30.71
C TYR A 160 -3.85 -7.16 -30.96
N GLN A 161 -2.67 -6.81 -30.44
CA GLN A 161 -1.47 -7.63 -30.59
C GLN A 161 -1.80 -9.09 -30.54
N ASN A 162 -2.75 -9.44 -29.67
CA ASN A 162 -3.16 -10.82 -29.51
C ASN A 162 -3.81 -11.41 -30.77
N MET A 163 -4.93 -10.84 -31.17
CA MET A 163 -5.67 -11.31 -32.33
C MET A 163 -4.86 -11.38 -33.63
N VAL A 164 -4.01 -10.38 -33.86
CA VAL A 164 -3.18 -10.34 -35.07
C VAL A 164 -2.00 -11.31 -34.96
N THR A 165 -1.04 -10.98 -34.11
CA THR A 165 0.14 -11.82 -33.91
C THR A 165 -0.31 -13.27 -33.68
N ASP A 166 -0.75 -13.60 -32.47
CA ASP A 166 -1.22 -14.95 -32.25
C ASP A 166 -2.47 -14.93 -33.12
N ARG A 167 -2.89 -16.09 -33.62
CA ARG A 167 -4.05 -16.18 -34.51
C ARG A 167 -5.48 -15.96 -33.98
N GLU A 168 -6.02 -16.97 -33.28
CA GLU A 168 -7.39 -16.93 -32.73
C GLU A 168 -8.00 -15.60 -32.28
N ASN A 169 -9.21 -15.70 -31.73
CA ASN A 169 -9.99 -14.55 -31.29
C ASN A 169 -9.74 -14.05 -29.87
N GLN A 170 -10.08 -12.79 -29.66
CA GLN A 170 -9.85 -12.19 -28.35
C GLN A 170 -11.15 -11.67 -27.77
N SER A 171 -11.22 -11.63 -26.45
CA SER A 171 -12.39 -11.14 -25.74
C SER A 171 -11.89 -10.29 -24.58
N CYS A 172 -12.65 -9.26 -24.23
CA CYS A 172 -12.25 -8.36 -23.16
C CYS A 172 -13.42 -8.08 -22.24
N LEU A 173 -13.65 -8.98 -21.28
CA LEU A 173 -14.77 -8.83 -20.36
C LEU A 173 -14.64 -7.60 -19.50
N ILE A 174 -15.58 -6.68 -19.70
CA ILE A 174 -15.64 -5.43 -18.94
C ILE A 174 -16.91 -5.47 -18.12
N THR A 175 -16.83 -5.06 -16.86
CA THR A 175 -18.01 -5.07 -16.01
C THR A 175 -17.94 -3.94 -14.99
N GLY A 176 -18.98 -3.85 -14.17
CA GLY A 176 -19.05 -2.82 -13.14
C GLY A 176 -20.34 -2.03 -13.19
N GLU A 177 -21.08 -2.08 -12.09
CA GLU A 177 -22.35 -1.35 -11.98
C GLU A 177 -22.31 -0.07 -12.83
N SER A 178 -23.36 0.12 -13.65
CA SER A 178 -23.44 1.28 -14.52
C SER A 178 -23.54 2.58 -13.74
N GLY A 179 -22.75 2.62 -12.66
CA GLY A 179 -22.64 3.78 -11.80
C GLY A 179 -21.14 3.99 -11.82
N ALA A 180 -20.53 3.31 -12.80
CA ALA A 180 -19.10 3.33 -13.03
C ALA A 180 -18.80 3.79 -14.46
N GLY A 181 -19.87 4.07 -15.22
CA GLY A 181 -19.74 4.53 -16.59
C GLY A 181 -19.00 3.56 -17.50
N LYS A 182 -19.11 2.28 -17.18
CA LYS A 182 -18.48 1.19 -17.92
C LYS A 182 -18.60 1.30 -19.43
N THR A 183 -19.65 1.98 -19.88
CA THR A 183 -19.91 2.18 -21.30
C THR A 183 -18.88 3.07 -21.99
N GLU A 184 -18.61 4.25 -21.42
CA GLU A 184 -17.62 5.16 -22.00
C GLU A 184 -16.30 4.42 -22.19
N SER A 185 -15.88 3.67 -21.18
CA SER A 185 -14.64 2.90 -21.25
C SER A 185 -14.74 2.03 -22.49
N THR A 186 -15.94 1.48 -22.71
CA THR A 186 -16.19 0.62 -23.85
C THR A 186 -15.96 1.44 -25.12
N LYS A 187 -16.55 2.63 -25.19
CA LYS A 187 -16.37 3.49 -26.36
C LYS A 187 -14.89 3.41 -26.69
N LYS A 188 -14.10 3.92 -25.76
CA LYS A 188 -12.64 3.95 -25.86
C LYS A 188 -12.02 2.69 -26.45
N VAL A 189 -12.36 1.54 -25.88
CA VAL A 189 -11.80 0.29 -26.36
C VAL A 189 -11.83 0.14 -27.88
N ILE A 190 -12.86 0.67 -28.52
CA ILE A 190 -12.94 0.57 -29.96
C ILE A 190 -12.28 1.77 -30.62
N MET A 191 -12.50 2.96 -30.07
CA MET A 191 -11.87 4.16 -30.60
C MET A 191 -10.43 3.77 -30.86
N TYR A 192 -9.86 3.07 -29.88
CA TYR A 192 -8.50 2.60 -29.95
C TYR A 192 -8.44 1.37 -30.83
N PHE A 193 -9.51 0.60 -30.86
CA PHE A 193 -9.57 -0.59 -31.70
C PHE A 193 -9.67 -0.18 -33.17
N ALA A 194 -9.60 1.13 -33.42
CA ALA A 194 -9.70 1.68 -34.78
C ALA A 194 -8.58 2.68 -35.12
N ARG A 195 -8.38 3.68 -34.27
CA ARG A 195 -7.35 4.68 -34.52
C ARG A 195 -5.96 4.03 -34.60
N VAL A 196 -5.96 2.70 -34.64
CA VAL A 196 -4.72 1.93 -34.72
C VAL A 196 -4.91 0.73 -35.64
N ALA A 197 -6.10 0.62 -36.20
CA ALA A 197 -6.45 -0.48 -37.11
C ALA A 197 -6.47 -0.03 -38.57
N ALA A 198 -6.21 1.26 -38.78
CA ALA A 198 -6.20 1.86 -40.11
C ALA A 198 -4.93 2.70 -40.33
N ASN A 199 -4.29 3.09 -39.23
CA ASN A 199 -3.07 3.90 -39.25
C ASN A 199 -1.81 3.08 -39.53
N LEU A 200 -1.80 2.39 -40.67
CA LEU A 200 -0.68 1.55 -41.07
C LEU A 200 0.32 2.36 -41.89
N ASN A 215 -18.52 7.48 -37.24
CA ASN A 215 -17.54 6.39 -37.34
C ASN A 215 -18.05 5.07 -36.77
N LEU A 216 -17.23 4.04 -36.91
CA LEU A 216 -17.55 2.70 -36.41
C LEU A 216 -17.91 2.97 -34.95
N GLU A 217 -17.11 3.86 -34.36
CA GLU A 217 -17.27 4.29 -32.99
C GLU A 217 -18.68 4.88 -32.86
N ASP A 218 -18.84 6.10 -33.39
CA ASP A 218 -20.10 6.84 -33.34
C ASP A 218 -21.35 6.04 -33.80
N GLN A 219 -21.32 5.50 -35.01
CA GLN A 219 -22.45 4.73 -35.57
C GLN A 219 -23.32 4.06 -34.52
N ILE A 220 -22.70 3.16 -33.78
CA ILE A 220 -23.34 2.38 -32.74
C ILE A 220 -23.86 3.16 -31.53
N ILE A 221 -23.35 4.38 -31.32
CA ILE A 221 -23.76 5.21 -30.18
C ILE A 221 -25.17 5.80 -30.30
N GLU A 222 -25.73 5.79 -31.51
CA GLU A 222 -27.07 6.31 -31.73
C GLU A 222 -28.08 5.21 -31.39
N ALA A 223 -27.84 4.02 -31.93
CA ALA A 223 -28.69 2.88 -31.66
C ALA A 223 -28.84 2.76 -30.14
N ASN A 224 -27.84 3.26 -29.41
CA ASN A 224 -27.86 3.22 -27.96
C ASN A 224 -29.26 3.55 -27.43
N PRO A 225 -29.65 4.85 -27.35
CA PRO A 225 -31.00 5.18 -26.85
C PRO A 225 -32.15 4.30 -27.35
N VAL A 226 -31.85 3.37 -28.25
CA VAL A 226 -32.87 2.46 -28.76
C VAL A 226 -32.91 1.32 -27.76
N LEU A 227 -31.82 0.58 -27.76
CA LEU A 227 -31.67 -0.54 -26.86
C LEU A 227 -31.57 0.00 -25.44
N GLU A 228 -31.24 1.29 -25.32
CA GLU A 228 -31.11 1.93 -24.01
C GLU A 228 -32.45 2.44 -23.50
N ALA A 229 -33.48 2.25 -24.32
CA ALA A 229 -34.85 2.41 -23.87
C ALA A 229 -35.58 1.07 -23.81
N PHE A 230 -34.84 0.00 -24.12
CA PHE A 230 -35.35 -1.36 -23.92
C PHE A 230 -34.65 -2.03 -22.73
N GLY A 231 -33.51 -2.66 -23.00
CA GLY A 231 -32.94 -3.62 -22.07
C GLY A 231 -32.39 -2.96 -20.83
N ASN A 232 -32.55 -1.65 -20.73
CA ASN A 232 -32.04 -0.89 -19.59
C ASN A 232 -33.22 -0.22 -18.90
N ALA A 233 -33.51 -0.66 -17.68
CA ALA A 233 -34.64 -0.11 -16.92
C ALA A 233 -34.25 0.30 -15.51
N LYS A 234 -35.17 0.98 -14.85
CA LYS A 234 -34.93 1.43 -13.49
C LYS A 234 -35.21 0.31 -12.50
N THR A 235 -34.16 -0.44 -12.18
CA THR A 235 -34.25 -1.52 -11.20
C THR A 235 -33.86 -0.90 -9.88
N VAL A 236 -34.69 -1.11 -8.86
CA VAL A 236 -34.47 -0.55 -7.52
C VAL A 236 -33.16 0.20 -7.33
N ARG A 237 -32.04 -0.43 -7.64
CA ARG A 237 -30.74 0.21 -7.46
C ARG A 237 -30.02 0.78 -8.67
N ASN A 238 -30.71 1.60 -9.47
CA ASN A 238 -30.12 2.23 -10.67
C ASN A 238 -31.18 2.67 -11.67
N ASN A 239 -31.37 3.98 -11.77
CA ASN A 239 -32.35 4.56 -12.70
C ASN A 239 -32.24 3.96 -14.09
N ASN A 240 -31.08 3.36 -14.39
CA ASN A 240 -30.84 2.76 -15.69
C ASN A 240 -29.87 1.59 -15.60
N SER A 241 -30.38 0.38 -15.86
CA SER A 241 -29.54 -0.83 -15.80
C SER A 241 -29.81 -1.81 -16.94
N SER A 242 -28.76 -2.10 -17.70
CA SER A 242 -28.86 -3.04 -18.81
C SER A 242 -29.30 -4.38 -18.25
N ARG A 243 -30.51 -4.79 -18.58
CA ARG A 243 -31.03 -6.07 -18.10
C ARG A 243 -30.90 -7.15 -19.18
N PHE A 244 -29.70 -7.20 -19.76
CA PHE A 244 -29.36 -8.18 -20.79
C PHE A 244 -27.86 -8.08 -21.06
N GLY A 245 -27.29 -9.10 -21.70
CA GLY A 245 -25.86 -9.11 -21.93
C GLY A 245 -25.38 -9.06 -23.36
N LYS A 246 -24.75 -7.94 -23.70
CA LYS A 246 -24.23 -7.70 -25.03
C LYS A 246 -22.78 -8.13 -25.22
N PHE A 247 -22.50 -8.66 -26.40
CA PHE A 247 -21.18 -9.14 -26.75
C PHE A 247 -20.71 -8.50 -28.06
N ILE A 248 -20.63 -7.19 -28.10
CA ILE A 248 -20.20 -6.47 -29.29
C ILE A 248 -18.96 -7.04 -29.99
N ARG A 249 -19.12 -8.04 -30.85
CA ARG A 249 -17.98 -8.61 -31.55
C ARG A 249 -17.47 -7.67 -32.65
N ILE A 250 -16.17 -7.39 -32.66
CA ILE A 250 -15.58 -6.57 -33.70
C ILE A 250 -14.62 -7.48 -34.45
N HIS A 251 -15.09 -8.02 -35.56
CA HIS A 251 -14.34 -8.95 -36.41
C HIS A 251 -13.15 -8.35 -37.12
N PHE A 252 -12.34 -9.22 -37.69
CA PHE A 252 -11.15 -8.81 -38.44
C PHE A 252 -10.85 -9.78 -39.60
N GLY A 253 -10.47 -9.22 -40.74
CA GLY A 253 -10.18 -10.04 -41.92
C GLY A 253 -8.79 -10.64 -41.96
N PRO A 254 -8.38 -11.19 -43.11
CA PRO A 254 -7.07 -11.82 -43.36
C PRO A 254 -5.87 -10.97 -42.97
N THR A 255 -6.03 -9.66 -43.02
CA THR A 255 -4.96 -8.73 -42.67
C THR A 255 -5.43 -7.69 -41.66
N GLY A 256 -5.70 -8.14 -40.44
CA GLY A 256 -6.16 -7.25 -39.39
C GLY A 256 -6.96 -6.06 -39.89
N LYS A 257 -8.04 -6.35 -40.62
CA LYS A 257 -8.88 -5.28 -41.12
C LYS A 257 -10.22 -5.28 -40.42
N ILE A 258 -10.59 -4.14 -39.83
CA ILE A 258 -11.89 -4.05 -39.18
C ILE A 258 -12.88 -4.38 -40.29
N ALA A 259 -13.61 -5.46 -40.14
CA ALA A 259 -14.59 -5.85 -41.15
C ALA A 259 -15.86 -5.04 -40.92
N GLY A 260 -16.03 -4.57 -39.68
CA GLY A 260 -17.20 -3.80 -39.32
C GLY A 260 -17.50 -4.07 -37.86
N ALA A 261 -18.78 -3.99 -37.48
CA ALA A 261 -19.21 -4.22 -36.10
C ALA A 261 -20.52 -5.01 -35.98
N ASP A 262 -20.51 -6.06 -35.15
CA ASP A 262 -21.68 -6.89 -34.94
C ASP A 262 -22.00 -7.08 -33.46
N ILE A 263 -23.25 -7.34 -33.14
CA ILE A 263 -23.68 -7.48 -31.76
C ILE A 263 -24.46 -8.77 -31.53
N GLU A 264 -24.73 -9.08 -30.26
CA GLU A 264 -25.49 -10.26 -29.86
C GLU A 264 -26.17 -9.98 -28.51
N THR A 265 -27.37 -10.53 -28.31
CA THR A 265 -28.09 -10.29 -27.06
C THR A 265 -28.30 -11.53 -26.22
N TYR A 266 -27.52 -11.58 -25.14
CA TYR A 266 -27.53 -12.64 -24.17
C TYR A 266 -28.54 -12.44 -23.07
N LEU A 267 -29.10 -13.55 -22.62
CA LEU A 267 -30.09 -13.57 -21.56
C LEU A 267 -30.49 -12.22 -21.03
N LEU A 268 -31.64 -11.80 -21.52
CA LEU A 268 -32.25 -10.53 -21.17
C LEU A 268 -33.43 -11.03 -20.39
N GLU A 269 -33.71 -10.42 -19.24
CA GLU A 269 -34.83 -10.84 -18.43
C GLU A 269 -36.15 -10.34 -18.99
N LYS A 270 -37.00 -11.29 -19.35
CA LYS A 270 -38.31 -11.02 -19.90
C LYS A 270 -39.24 -10.70 -18.75
N SER A 271 -38.94 -11.35 -17.64
CA SER A 271 -39.70 -11.22 -16.40
C SER A 271 -40.12 -9.81 -16.01
N ARG A 272 -39.27 -8.83 -16.25
CA ARG A 272 -39.59 -7.46 -15.88
C ARG A 272 -40.88 -7.02 -16.55
N VAL A 273 -41.38 -7.84 -17.48
CA VAL A 273 -42.61 -7.55 -18.23
C VAL A 273 -43.95 -7.72 -17.49
N THR A 274 -44.16 -8.89 -16.89
CA THR A 274 -45.39 -9.17 -16.16
C THR A 274 -45.30 -8.92 -14.67
N TYR A 275 -44.11 -8.98 -14.10
CA TYR A 275 -44.02 -8.75 -12.68
C TYR A 275 -43.20 -7.53 -12.27
N GLN A 276 -43.85 -6.38 -12.22
CA GLN A 276 -43.12 -5.18 -11.80
C GLN A 276 -43.19 -5.25 -10.25
N GLN A 277 -42.10 -4.95 -9.55
CA GLN A 277 -42.18 -4.97 -8.09
C GLN A 277 -42.73 -3.63 -7.59
N SER A 278 -42.58 -3.32 -6.31
CA SER A 278 -43.10 -2.06 -5.81
C SER A 278 -42.34 -0.80 -6.23
N ALA A 279 -41.03 -0.89 -6.39
CA ALA A 279 -40.26 0.28 -6.79
C ALA A 279 -39.76 0.16 -8.19
N GLU A 280 -40.17 -0.91 -8.86
CA GLU A 280 -39.65 -1.16 -10.20
C GLU A 280 -40.76 -1.44 -11.19
N ARG A 281 -40.70 -0.79 -12.33
CA ARG A 281 -41.76 -1.00 -13.27
C ARG A 281 -41.03 -1.54 -14.46
N ASN A 282 -41.75 -1.84 -15.54
CA ASN A 282 -41.15 -2.35 -16.76
C ASN A 282 -39.87 -1.73 -17.27
N TYR A 283 -39.84 -1.59 -18.60
CA TYR A 283 -38.72 -1.04 -19.38
C TYR A 283 -39.13 0.39 -19.70
N HIS A 284 -38.17 1.24 -20.07
CA HIS A 284 -38.45 2.64 -20.36
C HIS A 284 -39.42 3.01 -21.45
N ILE A 285 -39.44 2.24 -22.52
CA ILE A 285 -40.31 2.52 -23.66
C ILE A 285 -41.75 2.96 -23.39
N PHE A 286 -42.51 2.19 -22.62
CA PHE A 286 -43.90 2.56 -22.36
C PHE A 286 -43.93 3.88 -21.64
N TYR A 287 -42.84 4.21 -20.96
CA TYR A 287 -42.78 5.45 -20.23
C TYR A 287 -42.45 6.64 -21.12
N GLN A 288 -41.93 6.36 -22.30
CA GLN A 288 -41.62 7.40 -23.27
C GLN A 288 -42.78 7.45 -24.25
N ILE A 289 -43.40 6.30 -24.47
CA ILE A 289 -44.54 6.20 -25.38
C ILE A 289 -45.81 6.86 -24.84
N CYS A 290 -46.08 6.63 -23.57
CA CYS A 290 -47.25 7.19 -22.90
C CYS A 290 -46.98 8.66 -22.63
N SER A 291 -45.70 9.05 -22.67
CA SER A 291 -45.32 10.44 -22.42
C SER A 291 -45.56 11.19 -23.74
N ASN A 292 -46.06 12.41 -23.63
CA ASN A 292 -46.39 13.24 -24.79
C ASN A 292 -45.23 13.58 -25.72
N ALA A 293 -44.42 12.59 -26.09
CA ALA A 293 -43.29 12.87 -26.97
C ALA A 293 -43.85 13.19 -28.34
N ILE A 294 -44.99 12.58 -28.65
CA ILE A 294 -45.67 12.80 -29.93
C ILE A 294 -47.17 12.55 -29.83
N PRO A 295 -47.97 13.62 -29.70
CA PRO A 295 -49.42 13.44 -29.62
C PRO A 295 -49.95 12.85 -30.94
N GLU A 296 -49.15 12.98 -32.01
CA GLU A 296 -49.51 12.48 -33.34
C GLU A 296 -49.50 10.96 -33.37
N LEU A 297 -48.68 10.36 -32.51
CA LEU A 297 -48.56 8.92 -32.43
C LEU A 297 -49.02 8.45 -31.06
N ASN A 298 -49.48 9.39 -30.24
CA ASN A 298 -49.94 9.11 -28.87
C ASN A 298 -51.21 8.26 -28.77
N GLU A 299 -52.09 8.35 -29.77
CA GLU A 299 -53.35 7.61 -29.74
C GLU A 299 -53.41 6.28 -30.50
N VAL A 300 -53.00 6.30 -31.76
CA VAL A 300 -53.04 5.13 -32.65
C VAL A 300 -52.95 3.74 -32.03
N MET A 301 -52.23 3.62 -30.91
CA MET A 301 -52.07 2.35 -30.24
C MET A 301 -53.23 2.12 -29.28
N LEU A 302 -53.94 3.19 -28.94
CA LEU A 302 -55.08 3.15 -28.03
C LEU A 302 -54.67 3.26 -26.57
N ILE A 303 -53.95 4.32 -26.22
CA ILE A 303 -53.50 4.53 -24.85
C ILE A 303 -53.49 5.99 -24.38
N THR A 304 -53.63 6.18 -23.08
CA THR A 304 -53.66 7.49 -22.44
C THR A 304 -52.28 7.93 -21.93
N PRO A 305 -52.05 9.25 -21.87
CA PRO A 305 -50.82 9.92 -21.42
C PRO A 305 -50.30 9.69 -19.99
N ASP A 306 -51.12 9.13 -19.11
CA ASP A 306 -50.67 8.91 -17.75
C ASP A 306 -49.83 7.65 -17.53
N SER A 307 -48.73 7.81 -16.80
CA SER A 307 -47.81 6.71 -16.50
C SER A 307 -47.95 6.22 -15.06
N GLY A 308 -49.14 5.74 -14.73
CA GLY A 308 -49.39 5.23 -13.39
C GLY A 308 -50.65 4.38 -13.39
N LEU A 309 -51.23 4.29 -14.57
CA LEU A 309 -52.47 3.55 -14.83
C LEU A 309 -52.36 2.44 -15.87
N TYR A 310 -51.35 1.60 -15.74
CA TYR A 310 -51.22 0.50 -16.68
C TYR A 310 -50.75 -0.75 -15.98
N SER A 311 -51.72 -1.55 -15.52
CA SER A 311 -51.50 -2.79 -14.79
C SER A 311 -50.11 -3.41 -14.96
N PHE A 312 -49.55 -3.32 -16.17
CA PHE A 312 -48.20 -3.83 -16.44
C PHE A 312 -47.28 -2.62 -16.40
N ILE A 313 -47.40 -1.82 -15.35
CA ILE A 313 -46.62 -0.60 -15.21
C ILE A 313 -46.86 0.16 -13.89
N ASN A 314 -48.07 0.11 -13.37
CA ASN A 314 -48.37 0.85 -12.15
C ASN A 314 -48.07 0.16 -10.84
N GLN A 315 -47.22 -0.86 -10.83
CA GLN A 315 -46.92 -1.56 -9.58
C GLN A 315 -46.17 -0.68 -8.57
N GLY A 316 -45.64 0.45 -9.04
CA GLY A 316 -44.92 1.34 -8.16
C GLY A 316 -44.37 2.63 -8.76
N CYS A 317 -43.34 2.51 -9.59
CA CYS A 317 -42.70 3.69 -10.21
C CYS A 317 -43.27 4.19 -11.53
N LEU A 318 -42.90 5.42 -11.90
CA LEU A 318 -43.34 6.07 -13.14
C LEU A 318 -42.17 6.82 -13.78
N THR A 319 -42.21 8.16 -13.72
CA THR A 319 -41.17 9.04 -14.27
C THR A 319 -40.03 9.19 -13.26
N VAL A 320 -38.86 9.59 -13.76
CA VAL A 320 -37.70 9.75 -12.90
C VAL A 320 -37.12 11.15 -12.97
N ASP A 321 -36.27 11.46 -12.00
CA ASP A 321 -35.69 12.78 -11.89
C ASP A 321 -34.99 13.52 -13.02
N ASN A 322 -33.74 13.15 -13.32
CA ASN A 322 -33.00 13.82 -14.40
C ASN A 322 -33.51 13.34 -15.76
N ILE A 323 -34.27 12.24 -15.69
CA ILE A 323 -34.90 11.61 -16.83
C ILE A 323 -36.09 12.54 -16.81
N ASP A 324 -36.71 12.75 -17.95
CA ASP A 324 -37.88 13.58 -18.07
C ASP A 324 -38.61 12.79 -19.11
N ASP A 325 -37.99 11.68 -19.52
CA ASP A 325 -38.55 10.72 -20.49
C ASP A 325 -39.15 11.16 -21.83
N VAL A 326 -38.80 12.33 -22.35
CA VAL A 326 -39.38 12.77 -23.62
C VAL A 326 -38.46 12.64 -24.84
N GLU A 327 -37.76 13.72 -25.16
CA GLU A 327 -36.83 13.82 -26.29
C GLU A 327 -36.42 12.51 -26.98
N GLU A 328 -35.99 11.51 -26.21
CA GLU A 328 -35.56 10.23 -26.75
C GLU A 328 -36.62 9.61 -27.66
N PHE A 329 -37.87 9.61 -27.19
CA PHE A 329 -38.95 9.04 -27.98
C PHE A 329 -38.98 9.75 -29.32
N LYS A 330 -38.36 10.93 -29.37
CA LYS A 330 -38.26 11.73 -30.60
C LYS A 330 -36.95 11.45 -31.31
N LEU A 331 -35.87 11.37 -30.54
CA LEU A 331 -34.55 11.10 -31.09
C LEU A 331 -34.48 9.68 -31.62
N CYS A 332 -35.11 8.76 -30.88
CA CYS A 332 -35.17 7.37 -31.28
C CYS A 332 -35.77 7.37 -32.67
N ASP A 333 -36.91 8.04 -32.78
CA ASP A 333 -37.63 8.15 -34.05
C ASP A 333 -36.63 8.40 -35.16
N GLU A 334 -35.57 9.14 -34.82
CA GLU A 334 -34.54 9.48 -35.79
C GLU A 334 -33.54 8.34 -36.02
N ALA A 335 -32.98 7.81 -34.93
CA ALA A 335 -32.02 6.72 -35.03
C ALA A 335 -32.59 5.71 -36.01
N PHE A 336 -33.91 5.60 -36.04
CA PHE A 336 -34.55 4.69 -36.96
C PHE A 336 -34.17 5.05 -38.38
N ASP A 337 -34.93 5.96 -38.99
CA ASP A 337 -34.65 6.39 -40.36
C ASP A 337 -33.18 6.17 -40.67
N ILE A 338 -32.35 6.89 -39.92
CA ILE A 338 -30.88 6.86 -40.05
C ILE A 338 -30.26 5.58 -40.64
N LEU A 339 -30.50 4.44 -39.98
CA LEU A 339 -29.95 3.17 -40.45
C LEU A 339 -30.55 2.75 -41.78
N GLY A 340 -31.26 1.62 -41.75
CA GLY A 340 -31.87 1.11 -42.97
C GLY A 340 -33.17 0.36 -42.78
N PHE A 341 -34.26 1.11 -42.63
CA PHE A 341 -35.59 0.54 -42.47
C PHE A 341 -36.66 1.62 -42.42
N THR A 342 -37.48 1.67 -43.46
CA THR A 342 -38.55 2.65 -43.59
C THR A 342 -39.41 2.76 -42.33
N LYS A 343 -40.30 3.75 -42.31
CA LYS A 343 -41.18 3.97 -41.18
C LYS A 343 -42.25 2.89 -41.21
N GLU A 344 -42.29 2.16 -42.32
CA GLU A 344 -43.24 1.08 -42.52
C GLU A 344 -43.10 0.02 -41.42
N GLU A 345 -41.89 -0.51 -41.24
CA GLU A 345 -41.66 -1.51 -40.20
C GLU A 345 -41.47 -0.77 -38.89
N LYS A 346 -40.86 0.40 -38.98
CA LYS A 346 -40.63 1.24 -37.82
C LYS A 346 -41.97 1.45 -37.12
N THR A 347 -43.03 1.61 -37.93
CA THR A 347 -44.38 1.82 -37.40
C THR A 347 -44.84 0.57 -36.65
N SER A 348 -44.74 -0.59 -37.29
CA SER A 348 -45.14 -1.85 -36.66
C SER A 348 -44.64 -1.84 -35.21
N MET A 349 -43.43 -1.31 -35.04
CA MET A 349 -42.80 -1.24 -33.72
C MET A 349 -43.67 -0.47 -32.73
N PHE A 350 -43.68 0.85 -32.85
CA PHE A 350 -44.48 1.70 -31.96
C PHE A 350 -45.70 0.94 -31.49
N LYS A 351 -46.57 0.64 -32.45
CA LYS A 351 -47.81 -0.07 -32.19
C LYS A 351 -47.61 -1.39 -31.44
N CYS A 352 -46.87 -2.33 -32.03
CA CYS A 352 -46.63 -3.61 -31.36
C CYS A 352 -46.39 -3.39 -29.87
N THR A 353 -45.49 -2.45 -29.56
CA THR A 353 -45.15 -2.14 -28.18
C THR A 353 -46.39 -1.91 -27.33
N ALA A 354 -47.44 -1.37 -27.94
CA ALA A 354 -48.68 -1.10 -27.25
C ALA A 354 -49.40 -2.39 -26.86
N SER A 355 -49.44 -3.34 -27.79
CA SER A 355 -50.10 -4.62 -27.54
C SER A 355 -49.86 -5.11 -26.12
N ILE A 356 -48.60 -5.08 -25.68
CA ILE A 356 -48.24 -5.52 -24.34
C ILE A 356 -49.09 -4.75 -23.32
N LEU A 357 -48.99 -3.43 -23.39
CA LEU A 357 -49.70 -2.54 -22.49
C LEU A 357 -51.13 -3.00 -22.18
N HIS A 358 -51.97 -3.03 -23.21
CA HIS A 358 -53.36 -3.47 -23.03
C HIS A 358 -53.42 -4.92 -22.54
N MET A 359 -52.58 -5.76 -23.12
CA MET A 359 -52.53 -7.19 -22.78
C MET A 359 -52.62 -7.50 -21.30
N GLY A 360 -51.95 -6.71 -20.47
CA GLY A 360 -52.01 -6.94 -19.04
C GLY A 360 -53.27 -6.31 -18.49
N GLU A 361 -53.85 -5.42 -19.31
CA GLU A 361 -55.06 -4.69 -18.95
C GLU A 361 -56.32 -5.46 -19.38
N MET A 362 -56.17 -6.75 -19.64
CA MET A 362 -57.31 -7.59 -20.05
C MET A 362 -57.90 -8.31 -18.85
N LYS A 363 -59.24 -8.39 -18.81
CA LYS A 363 -59.94 -9.03 -17.69
C LYS A 363 -60.86 -10.18 -18.10
N PHE A 364 -61.11 -11.09 -17.17
CA PHE A 364 -61.96 -12.26 -17.41
C PHE A 364 -62.72 -12.71 -16.16
N LYS A 365 -62.77 -14.03 -15.96
CA LYS A 365 -63.47 -14.67 -14.83
C LYS A 365 -63.69 -16.15 -15.19
N GLN A 366 -63.81 -17.05 -14.22
CA GLN A 366 -64.12 -18.42 -14.59
C GLN A 366 -65.61 -18.59 -14.35
N ARG A 367 -65.98 -19.62 -13.62
CA ARG A 367 -67.37 -19.88 -13.32
C ARG A 367 -67.41 -19.70 -11.82
N PRO A 368 -68.41 -20.24 -11.14
CA PRO A 368 -68.31 -19.99 -9.71
C PRO A 368 -67.37 -21.01 -9.02
N ARG A 369 -67.87 -22.21 -8.71
CA ARG A 369 -67.07 -23.27 -8.06
C ARG A 369 -66.60 -24.25 -9.15
N GLU A 370 -66.22 -23.71 -10.31
CA GLU A 370 -65.78 -24.52 -11.44
C GLU A 370 -64.50 -23.96 -12.03
N GLU A 371 -63.77 -24.79 -12.78
CA GLU A 371 -62.49 -24.38 -13.37
C GLU A 371 -62.49 -24.13 -14.89
N GLN A 372 -62.66 -22.88 -15.27
CA GLN A 372 -62.69 -22.47 -16.68
C GLN A 372 -63.02 -20.99 -16.78
N ALA A 373 -62.16 -20.21 -17.46
CA ALA A 373 -62.36 -18.77 -17.59
C ALA A 373 -63.26 -18.29 -18.72
N GLU A 374 -63.61 -17.00 -18.63
CA GLU A 374 -64.49 -16.32 -19.61
C GLU A 374 -64.15 -14.82 -19.57
N SER A 375 -64.56 -14.05 -20.59
CA SER A 375 -64.24 -12.62 -20.64
C SER A 375 -65.13 -11.49 -20.13
N ASP A 376 -64.67 -10.29 -20.45
CA ASP A 376 -65.32 -9.02 -20.10
C ASP A 376 -64.55 -7.99 -20.92
N GLY A 377 -63.23 -8.18 -21.02
CA GLY A 377 -62.38 -7.26 -21.79
C GLY A 377 -62.15 -7.71 -23.22
N THR A 378 -63.22 -7.83 -23.99
CA THR A 378 -63.11 -8.22 -25.39
C THR A 378 -62.77 -7.01 -26.23
N ALA A 379 -62.92 -5.82 -25.66
CA ALA A 379 -62.61 -4.57 -26.35
C ALA A 379 -61.09 -4.49 -26.52
N GLU A 380 -60.39 -4.59 -25.40
CA GLU A 380 -58.93 -4.55 -25.41
C GLU A 380 -58.47 -5.78 -26.20
N ALA A 381 -59.18 -6.89 -25.99
CA ALA A 381 -58.87 -8.12 -26.70
C ALA A 381 -58.96 -7.75 -28.17
N GLU A 382 -59.99 -6.99 -28.51
CA GLU A 382 -60.19 -6.55 -29.89
C GLU A 382 -59.09 -5.56 -30.25
N LYS A 383 -58.75 -4.69 -29.30
CA LYS A 383 -57.70 -3.69 -29.51
C LYS A 383 -56.43 -4.37 -30.01
N VAL A 384 -55.70 -4.97 -29.08
CA VAL A 384 -54.46 -5.65 -29.40
C VAL A 384 -54.59 -6.51 -30.67
N ALA A 385 -55.59 -7.37 -30.69
CA ALA A 385 -55.82 -8.28 -31.81
C ALA A 385 -55.67 -7.63 -33.18
N PHE A 386 -56.35 -6.52 -33.41
CA PHE A 386 -56.27 -5.83 -34.69
C PHE A 386 -54.87 -5.21 -34.81
N LEU A 387 -54.34 -4.72 -33.69
CA LEU A 387 -53.00 -4.14 -33.68
C LEU A 387 -52.00 -5.27 -33.94
N CYS A 388 -52.53 -6.40 -34.39
CA CYS A 388 -51.74 -7.58 -34.68
C CYS A 388 -52.26 -8.31 -35.92
N GLY A 389 -53.43 -7.91 -36.40
CA GLY A 389 -53.99 -8.55 -37.57
C GLY A 389 -54.59 -9.90 -37.25
N ILE A 390 -55.26 -9.99 -36.11
CA ILE A 390 -55.89 -11.23 -35.71
C ILE A 390 -57.33 -10.93 -35.32
N ASN A 391 -58.21 -11.87 -35.63
CA ASN A 391 -59.63 -11.73 -35.28
C ASN A 391 -59.66 -11.63 -33.76
N ALA A 392 -60.25 -10.55 -33.25
CA ALA A 392 -60.34 -10.37 -31.81
C ALA A 392 -60.96 -11.62 -31.20
N GLY A 393 -61.74 -12.33 -32.00
CA GLY A 393 -62.38 -13.56 -31.57
C GLY A 393 -61.47 -14.74 -31.80
N ASP A 394 -60.37 -14.51 -32.52
CA ASP A 394 -59.40 -15.57 -32.81
C ASP A 394 -58.62 -15.88 -31.55
N LEU A 395 -58.21 -14.83 -30.84
CA LEU A 395 -57.44 -14.96 -29.62
C LEU A 395 -58.09 -15.88 -28.60
N LEU A 396 -59.14 -15.39 -27.95
CA LEU A 396 -59.83 -16.15 -26.92
C LEU A 396 -60.12 -17.60 -27.32
N LYS A 397 -60.19 -17.89 -28.61
CA LYS A 397 -60.45 -19.25 -29.07
C LYS A 397 -59.22 -20.13 -28.79
N ALA A 398 -58.04 -19.62 -29.12
CA ALA A 398 -56.79 -20.35 -28.88
C ALA A 398 -56.22 -19.90 -27.54
N LEU A 399 -56.91 -18.97 -26.89
CA LEU A 399 -56.41 -18.44 -25.63
C LEU A 399 -57.18 -18.82 -24.37
N LEU A 400 -58.47 -18.52 -24.33
CA LEU A 400 -59.28 -18.85 -23.16
C LEU A 400 -59.16 -20.37 -22.98
N LYS A 401 -60.09 -21.16 -23.51
CA LYS A 401 -60.00 -22.62 -23.38
C LYS A 401 -59.40 -23.00 -24.74
N PRO A 402 -58.07 -23.07 -24.81
CA PRO A 402 -57.25 -23.39 -25.99
C PRO A 402 -57.47 -24.72 -26.64
N LYS A 403 -56.59 -25.01 -27.61
CA LYS A 403 -56.63 -26.24 -28.37
C LYS A 403 -55.26 -26.89 -28.31
N VAL A 404 -55.23 -28.17 -27.96
CA VAL A 404 -53.98 -28.90 -27.86
C VAL A 404 -53.56 -29.50 -29.21
N LYS A 405 -52.64 -30.46 -29.18
CA LYS A 405 -52.17 -31.10 -30.40
C LYS A 405 -51.42 -32.38 -30.07
N VAL A 406 -52.11 -33.30 -29.40
CA VAL A 406 -51.51 -34.58 -29.04
C VAL A 406 -51.19 -35.35 -30.32
N GLY A 407 -51.02 -36.66 -30.20
CA GLY A 407 -50.69 -37.50 -31.34
C GLY A 407 -51.55 -37.51 -32.59
N THR A 408 -52.86 -37.45 -32.43
CA THR A 408 -53.75 -37.47 -33.59
C THR A 408 -54.81 -36.36 -33.69
N GLU A 409 -55.59 -36.15 -32.64
CA GLU A 409 -56.65 -35.13 -32.68
C GLU A 409 -56.64 -34.15 -31.50
N MET A 410 -56.37 -32.88 -31.81
CA MET A 410 -56.32 -31.80 -30.83
C MET A 410 -57.54 -31.65 -29.91
N VAL A 411 -57.34 -31.89 -28.62
CA VAL A 411 -58.40 -31.78 -27.62
C VAL A 411 -58.31 -30.41 -26.92
N THR A 412 -59.41 -29.68 -26.89
CA THR A 412 -59.43 -28.38 -26.24
C THR A 412 -59.15 -28.62 -24.75
N LYS A 413 -58.27 -27.81 -24.18
CA LYS A 413 -57.90 -27.96 -22.77
C LYS A 413 -58.63 -26.99 -21.86
N GLY A 414 -59.46 -27.54 -20.97
CA GLY A 414 -60.19 -26.69 -20.04
C GLY A 414 -59.22 -25.68 -19.49
N GLN A 415 -59.67 -24.45 -19.28
CA GLN A 415 -58.75 -23.43 -18.80
C GLN A 415 -58.93 -22.81 -17.44
N ASN A 416 -58.11 -23.28 -16.50
CA ASN A 416 -58.12 -22.76 -15.16
C ASN A 416 -57.57 -21.35 -15.34
N LEU A 417 -58.05 -20.41 -14.55
CA LEU A 417 -57.55 -19.04 -14.62
C LEU A 417 -56.03 -19.11 -14.61
N GLN A 418 -55.50 -20.18 -13.99
CA GLN A 418 -54.07 -20.39 -13.89
C GLN A 418 -53.43 -20.41 -15.27
N GLN A 419 -53.13 -21.60 -15.81
CA GLN A 419 -52.47 -21.75 -17.12
C GLN A 419 -52.55 -20.55 -18.03
N VAL A 420 -53.74 -20.00 -18.22
CA VAL A 420 -53.91 -18.82 -19.09
C VAL A 420 -53.33 -17.52 -18.54
N ILE A 421 -53.80 -17.10 -17.36
CA ILE A 421 -53.31 -15.88 -16.74
C ILE A 421 -51.80 -15.76 -16.97
N ASN A 422 -51.11 -16.87 -16.83
CA ASN A 422 -49.67 -16.92 -17.04
C ASN A 422 -49.36 -17.00 -18.54
N SER A 423 -50.16 -17.80 -19.25
CA SER A 423 -49.98 -17.98 -20.69
C SER A 423 -49.84 -16.62 -21.36
N VAL A 424 -50.60 -15.65 -20.88
CA VAL A 424 -50.55 -14.28 -21.41
C VAL A 424 -49.26 -13.62 -20.97
N GLY A 425 -48.93 -13.74 -19.69
CA GLY A 425 -47.71 -13.15 -19.19
C GLY A 425 -46.61 -13.67 -20.09
N ALA A 426 -46.91 -14.78 -20.75
CA ALA A 426 -45.97 -15.42 -21.66
C ALA A 426 -45.98 -14.68 -22.98
N LEU A 427 -47.16 -14.27 -23.43
CA LEU A 427 -47.27 -13.54 -24.69
C LEU A 427 -46.72 -12.13 -24.54
N SER A 428 -47.02 -11.50 -23.40
CA SER A 428 -46.53 -10.17 -23.13
C SER A 428 -45.03 -10.19 -23.40
N LYS A 429 -44.37 -11.18 -22.80
CA LYS A 429 -42.92 -11.36 -22.93
C LYS A 429 -42.49 -12.00 -24.25
N SER A 430 -42.70 -13.31 -24.36
CA SER A 430 -42.34 -14.10 -25.54
C SER A 430 -42.20 -13.25 -26.79
N LEU A 431 -43.14 -12.35 -27.00
CA LEU A 431 -43.09 -11.49 -28.18
C LEU A 431 -41.89 -10.56 -28.05
N TYR A 432 -41.86 -9.83 -26.95
CA TYR A 432 -40.78 -8.89 -26.68
C TYR A 432 -39.43 -9.52 -27.00
N ASP A 433 -39.12 -10.60 -26.30
CA ASP A 433 -37.86 -11.31 -26.48
C ASP A 433 -37.48 -11.34 -27.96
N ARG A 434 -38.38 -11.84 -28.80
CA ARG A 434 -38.11 -11.90 -30.23
C ARG A 434 -37.98 -10.49 -30.73
N MET A 435 -39.04 -9.72 -30.48
CA MET A 435 -39.13 -8.32 -30.86
C MET A 435 -37.83 -7.62 -30.45
N PHE A 436 -36.96 -8.37 -29.79
CA PHE A 436 -35.68 -7.84 -29.35
C PHE A 436 -34.63 -8.53 -30.21
N ASN A 437 -34.59 -9.85 -30.12
CA ASN A 437 -33.63 -10.63 -30.86
C ASN A 437 -33.69 -10.22 -32.31
N TRP A 438 -34.88 -9.81 -32.74
CA TRP A 438 -35.01 -9.37 -34.12
C TRP A 438 -34.28 -8.03 -34.20
N LEU A 439 -34.81 -7.03 -33.48
CA LEU A 439 -34.23 -5.69 -33.47
C LEU A 439 -32.71 -5.73 -33.56
N VAL A 440 -32.13 -6.71 -32.88
CA VAL A 440 -30.69 -6.88 -32.89
C VAL A 440 -30.30 -7.24 -34.31
N LYS A 441 -30.58 -8.48 -34.68
CA LYS A 441 -30.27 -8.97 -36.01
C LYS A 441 -30.30 -7.83 -37.04
N ARG A 442 -31.21 -6.88 -36.84
CA ARG A 442 -31.32 -5.74 -37.74
C ARG A 442 -30.04 -4.91 -37.69
N VAL A 443 -29.75 -4.36 -36.52
CA VAL A 443 -28.56 -3.55 -36.33
C VAL A 443 -27.32 -4.40 -36.59
N ASN A 444 -27.53 -5.70 -36.70
CA ASN A 444 -26.45 -6.65 -36.97
C ASN A 444 -26.31 -6.67 -38.49
N ARG A 445 -27.33 -6.11 -39.13
CA ARG A 445 -27.42 -6.02 -40.59
C ARG A 445 -26.82 -4.70 -41.06
N THR A 446 -27.35 -3.60 -40.52
CA THR A 446 -26.91 -2.26 -40.87
C THR A 446 -25.40 -2.14 -40.93
N LEU A 447 -24.73 -2.77 -39.99
CA LEU A 447 -23.28 -2.71 -39.95
C LEU A 447 -22.68 -3.97 -40.56
N ASP A 448 -23.54 -4.85 -41.08
CA ASP A 448 -23.09 -6.06 -41.73
C ASP A 448 -22.46 -5.59 -43.04
N THR A 449 -22.00 -4.35 -43.02
CA THR A 449 -21.35 -3.70 -44.15
C THR A 449 -20.09 -4.47 -44.52
N LYS A 450 -20.15 -5.78 -44.29
CA LYS A 450 -19.11 -6.77 -44.58
C LYS A 450 -18.07 -6.41 -45.63
N ALA A 451 -16.83 -6.74 -45.32
CA ALA A 451 -15.70 -6.48 -46.20
C ALA A 451 -15.18 -7.90 -46.33
N LYS A 452 -14.60 -8.41 -45.25
CA LYS A 452 -14.07 -9.76 -45.16
C LYS A 452 -13.94 -10.11 -43.69
N ARG A 453 -14.25 -11.36 -43.33
CA ARG A 453 -14.18 -11.79 -41.94
C ARG A 453 -13.40 -13.08 -41.73
N ASN A 454 -12.57 -13.09 -40.69
CA ASN A 454 -11.78 -14.26 -40.34
C ASN A 454 -11.80 -14.43 -38.82
N TYR A 455 -11.62 -13.32 -38.10
CA TYR A 455 -11.61 -13.34 -36.63
C TYR A 455 -12.40 -12.19 -36.03
N TYR A 456 -12.13 -11.92 -34.75
CA TYR A 456 -12.79 -10.83 -34.02
C TYR A 456 -12.23 -10.65 -32.61
N ILE A 457 -12.64 -9.57 -31.97
CA ILE A 457 -12.24 -9.26 -30.62
C ILE A 457 -13.49 -8.70 -29.92
N GLY A 458 -14.43 -9.61 -29.65
CA GLY A 458 -15.66 -9.21 -29.00
C GLY A 458 -15.46 -8.60 -27.63
N VAL A 459 -16.49 -7.91 -27.13
CA VAL A 459 -16.38 -7.29 -25.83
C VAL A 459 -17.67 -7.52 -25.04
N LEU A 460 -17.72 -8.63 -24.32
CA LEU A 460 -18.89 -8.97 -23.51
C LEU A 460 -19.01 -8.13 -22.25
N ASP A 461 -20.24 -7.83 -21.89
CA ASP A 461 -20.56 -7.05 -20.70
C ASP A 461 -21.83 -7.69 -20.22
N ILE A 462 -21.84 -8.20 -19.00
CA ILE A 462 -23.03 -8.86 -18.42
C ILE A 462 -23.19 -8.31 -17.04
N ALA A 463 -24.44 -8.19 -16.59
CA ALA A 463 -24.65 -7.69 -15.24
C ALA A 463 -23.94 -8.69 -14.33
N GLY A 464 -22.99 -8.19 -13.55
CA GLY A 464 -22.22 -9.03 -12.67
C GLY A 464 -22.93 -9.32 -11.36
N PHE A 465 -22.36 -10.27 -10.64
CA PHE A 465 -22.82 -10.77 -9.35
C PHE A 465 -23.74 -9.82 -8.59
N GLU A 466 -24.60 -10.41 -7.76
CA GLU A 466 -25.55 -9.65 -6.95
C GLU A 466 -25.86 -10.28 -5.61
N ILE A 467 -25.56 -9.55 -4.55
CA ILE A 467 -25.82 -10.00 -3.19
C ILE A 467 -26.74 -8.91 -2.65
N PHE A 468 -27.94 -9.28 -2.21
CA PHE A 468 -28.86 -8.28 -1.72
C PHE A 468 -29.41 -8.47 -0.32
N ASP A 469 -30.23 -7.50 0.08
CA ASP A 469 -30.88 -7.48 1.39
C ASP A 469 -31.95 -8.56 1.43
N PHE A 470 -32.27 -9.07 0.24
CA PHE A 470 -33.27 -10.11 0.05
C PHE A 470 -33.02 -10.75 -1.32
N ASN A 471 -32.52 -11.97 -1.32
CA ASN A 471 -32.20 -12.67 -2.57
C ASN A 471 -33.20 -13.74 -2.98
N SER A 472 -33.49 -13.77 -4.28
CA SER A 472 -34.43 -14.71 -4.86
C SER A 472 -33.91 -15.39 -6.11
N PHE A 473 -34.85 -15.87 -6.93
CA PHE A 473 -34.58 -16.57 -8.18
C PHE A 473 -33.77 -15.77 -9.19
N GLU A 474 -34.22 -14.55 -9.48
CA GLU A 474 -33.51 -13.72 -10.43
C GLU A 474 -32.05 -13.58 -9.99
N GLN A 475 -31.81 -13.46 -8.70
CA GLN A 475 -30.45 -13.35 -8.20
C GLN A 475 -29.66 -14.64 -8.45
N LEU A 476 -30.10 -15.73 -7.81
CA LEU A 476 -29.43 -17.04 -7.94
C LEU A 476 -28.90 -17.28 -9.34
N CYS A 477 -29.61 -16.77 -10.32
CA CYS A 477 -29.22 -16.94 -11.72
C CYS A 477 -28.04 -16.06 -12.15
N ILE A 478 -28.18 -14.73 -12.05
CA ILE A 478 -27.11 -13.86 -12.48
C ILE A 478 -25.81 -14.34 -11.89
N ASN A 479 -25.87 -14.69 -10.62
CA ASN A 479 -24.70 -15.21 -9.93
C ASN A 479 -24.27 -16.46 -10.69
N TYR A 480 -25.11 -17.50 -10.66
CA TYR A 480 -24.79 -18.73 -11.38
C TYR A 480 -24.02 -18.32 -12.61
N THR A 481 -24.60 -17.45 -13.43
CA THR A 481 -23.89 -17.00 -14.62
C THR A 481 -22.52 -16.66 -14.10
N ASN A 482 -22.44 -15.54 -13.40
CA ASN A 482 -21.18 -15.09 -12.88
C ASN A 482 -20.34 -16.21 -12.27
N GLU A 483 -20.93 -16.98 -11.37
CA GLU A 483 -20.19 -18.05 -10.72
C GLU A 483 -19.42 -18.79 -11.77
N ARG A 484 -20.08 -19.03 -12.90
CA ARG A 484 -19.51 -19.73 -14.06
C ARG A 484 -18.44 -18.87 -14.72
N LEU A 485 -18.80 -17.61 -14.92
CA LEU A 485 -17.90 -16.66 -15.54
C LEU A 485 -16.57 -16.57 -14.79
N GLN A 486 -16.60 -16.19 -13.51
CA GLN A 486 -15.40 -16.09 -12.70
C GLN A 486 -14.54 -17.36 -12.83
N GLN A 487 -15.18 -18.51 -12.81
CA GLN A 487 -14.43 -19.75 -12.98
C GLN A 487 -13.54 -19.55 -14.16
N PHE A 488 -14.20 -19.47 -15.32
CA PHE A 488 -13.52 -19.26 -16.58
C PHE A 488 -12.20 -18.52 -16.34
N PHE A 489 -12.27 -17.39 -15.64
CA PHE A 489 -11.06 -16.62 -15.37
C PHE A 489 -10.04 -17.45 -14.61
N ASN A 490 -10.45 -17.96 -13.44
CA ASN A 490 -9.53 -18.75 -12.63
C ASN A 490 -8.69 -19.61 -13.55
N HIS A 491 -9.36 -20.48 -14.30
CA HIS A 491 -8.71 -21.41 -15.22
C HIS A 491 -7.67 -20.71 -16.09
N HIS A 492 -8.02 -19.52 -16.53
CA HIS A 492 -7.19 -18.71 -17.42
C HIS A 492 -5.91 -18.38 -16.70
N MET A 493 -6.06 -17.70 -15.56
CA MET A 493 -4.95 -17.31 -14.72
C MET A 493 -4.20 -18.56 -14.27
N PHE A 494 -4.81 -19.73 -14.45
CA PHE A 494 -4.16 -20.97 -14.08
C PHE A 494 -3.14 -21.28 -15.13
N VAL A 495 -3.61 -21.45 -16.35
CA VAL A 495 -2.71 -21.76 -17.44
C VAL A 495 -1.71 -20.66 -17.64
N LEU A 496 -2.14 -19.39 -17.51
CA LEU A 496 -1.21 -18.27 -17.68
C LEU A 496 -0.07 -18.40 -16.67
N GLU A 497 -0.39 -18.99 -15.52
CA GLU A 497 0.62 -19.21 -14.50
C GLU A 497 1.44 -20.42 -14.90
N GLN A 498 0.74 -21.49 -15.27
CA GLN A 498 1.39 -22.74 -15.65
C GLN A 498 2.52 -22.61 -16.65
N GLU A 499 2.56 -21.49 -17.38
CA GLU A 499 3.63 -21.29 -18.35
C GLU A 499 4.74 -20.45 -17.71
N GLU A 500 4.39 -19.33 -17.08
CA GLU A 500 5.39 -18.46 -16.47
C GLU A 500 6.32 -19.30 -15.63
N TYR A 501 5.76 -20.31 -14.97
CA TYR A 501 6.55 -21.22 -14.14
C TYR A 501 7.48 -22.06 -14.99
N LYS A 502 6.93 -22.66 -16.03
CA LYS A 502 7.72 -23.50 -16.89
C LYS A 502 8.60 -22.68 -17.83
N LYS A 503 8.30 -21.38 -17.93
CA LYS A 503 9.09 -20.48 -18.78
C LYS A 503 10.24 -20.02 -17.92
N GLU A 504 10.21 -20.44 -16.67
CA GLU A 504 11.24 -20.09 -15.71
C GLU A 504 11.97 -21.34 -15.24
N GLY A 505 11.55 -22.49 -15.75
CA GLY A 505 12.17 -23.74 -15.36
C GLY A 505 11.73 -24.16 -13.98
N ILE A 506 11.58 -23.17 -13.10
CA ILE A 506 11.12 -23.41 -11.73
C ILE A 506 9.66 -23.79 -11.82
N GLN A 507 9.36 -25.09 -11.74
CA GLN A 507 7.96 -25.47 -11.82
C GLN A 507 7.55 -26.84 -11.32
N TRP A 508 6.74 -26.82 -10.28
CA TRP A 508 6.18 -28.05 -9.74
C TRP A 508 4.76 -27.69 -10.12
N GLU A 509 3.77 -28.06 -9.33
CA GLU A 509 2.40 -27.69 -9.72
C GLU A 509 1.37 -27.80 -8.61
N PHE A 510 0.19 -27.31 -8.93
CA PHE A 510 -0.96 -27.30 -8.02
C PHE A 510 -2.15 -27.54 -8.95
N ILE A 511 -3.18 -28.25 -8.48
CA ILE A 511 -4.33 -28.53 -9.34
C ILE A 511 -4.92 -27.25 -9.91
N ASP A 512 -5.79 -27.40 -10.91
CA ASP A 512 -6.43 -26.25 -11.57
C ASP A 512 -7.27 -25.45 -10.59
N PHE A 513 -7.21 -24.13 -10.72
CA PHE A 513 -7.93 -23.24 -9.83
C PHE A 513 -9.42 -23.24 -10.04
N GLY A 514 -9.83 -23.24 -11.31
CA GLY A 514 -11.24 -23.24 -11.63
C GLY A 514 -11.98 -24.47 -11.15
N MET A 515 -11.33 -25.31 -10.35
CA MET A 515 -12.02 -26.50 -9.87
C MET A 515 -12.84 -26.22 -8.64
N ASP A 516 -12.27 -25.48 -7.68
CA ASP A 516 -13.03 -25.21 -6.48
C ASP A 516 -14.40 -24.69 -6.82
N LEU A 517 -14.47 -23.89 -7.87
CA LEU A 517 -15.76 -23.35 -8.26
C LEU A 517 -16.75 -24.41 -8.76
N GLN A 518 -16.26 -25.56 -9.23
CA GLN A 518 -17.17 -26.58 -9.73
C GLN A 518 -18.16 -26.97 -8.65
N MET A 519 -17.63 -27.25 -7.47
CA MET A 519 -18.49 -27.64 -6.36
C MET A 519 -19.74 -26.78 -6.38
N CYS A 520 -19.56 -25.46 -6.30
CA CYS A 520 -20.71 -24.59 -6.31
C CYS A 520 -21.50 -24.61 -7.61
N ILE A 521 -20.81 -24.86 -8.71
CA ILE A 521 -21.43 -24.88 -10.04
C ILE A 521 -22.26 -26.13 -10.23
N ASP A 522 -21.71 -27.26 -9.83
CA ASP A 522 -22.44 -28.49 -10.00
C ASP A 522 -23.59 -28.54 -9.00
N LEU A 523 -23.51 -27.73 -7.95
CA LEU A 523 -24.58 -27.72 -6.97
C LEU A 523 -25.75 -26.94 -7.56
N ILE A 524 -25.56 -26.43 -8.78
CA ILE A 524 -26.59 -25.66 -9.49
C ILE A 524 -27.03 -26.36 -10.77
N GLU A 525 -26.11 -26.49 -11.71
CA GLU A 525 -26.42 -27.11 -12.98
C GLU A 525 -26.69 -28.60 -12.98
N LYS A 526 -25.69 -29.39 -12.60
CA LYS A 526 -25.78 -30.85 -12.57
C LYS A 526 -27.15 -31.40 -12.15
N PRO A 527 -27.48 -32.60 -12.63
CA PRO A 527 -28.74 -33.31 -12.34
C PRO A 527 -29.44 -32.89 -11.04
N MET A 528 -29.61 -33.83 -10.11
CA MET A 528 -30.29 -33.55 -8.84
C MET A 528 -29.70 -32.33 -8.12
N GLY A 529 -29.70 -31.19 -8.82
CA GLY A 529 -29.17 -29.94 -8.28
C GLY A 529 -30.10 -28.74 -8.37
N ILE A 530 -30.03 -27.87 -7.36
CA ILE A 530 -30.87 -26.67 -7.24
C ILE A 530 -31.66 -26.31 -8.48
N LEU A 531 -31.02 -26.28 -9.64
CA LEU A 531 -31.75 -25.93 -10.85
C LEU A 531 -32.61 -27.08 -11.34
N SER A 532 -32.00 -28.23 -11.61
CA SER A 532 -32.75 -29.41 -12.09
C SER A 532 -34.05 -29.60 -11.33
N ILE A 533 -33.95 -29.66 -10.01
CA ILE A 533 -35.14 -29.82 -9.19
C ILE A 533 -36.20 -28.85 -9.69
N LEU A 534 -35.93 -27.56 -9.61
CA LEU A 534 -36.90 -26.55 -10.03
C LEU A 534 -37.39 -26.79 -11.45
N GLU A 535 -36.49 -27.28 -12.29
CA GLU A 535 -36.85 -27.56 -13.66
C GLU A 535 -37.85 -28.70 -13.66
N GLU A 536 -37.79 -29.52 -12.60
CA GLU A 536 -38.69 -30.66 -12.45
C GLU A 536 -40.05 -30.24 -11.90
N GLU A 537 -40.08 -29.74 -10.67
CA GLU A 537 -41.32 -29.33 -10.03
C GLU A 537 -42.17 -28.29 -10.75
N CYS A 538 -41.67 -27.74 -11.85
CA CYS A 538 -42.47 -26.76 -12.56
C CYS A 538 -43.41 -27.45 -13.53
N MET A 539 -43.46 -28.78 -13.43
CA MET A 539 -44.34 -29.58 -14.26
C MET A 539 -45.51 -30.08 -13.40
N PHE A 540 -45.19 -30.80 -12.32
CA PHE A 540 -46.23 -31.31 -11.43
C PHE A 540 -47.16 -30.21 -10.98
N PRO A 541 -48.47 -30.49 -10.96
CA PRO A 541 -49.50 -29.52 -10.56
C PRO A 541 -49.82 -29.58 -9.06
N LYS A 542 -48.78 -29.44 -8.25
CA LYS A 542 -48.93 -29.47 -6.80
C LYS A 542 -47.78 -28.63 -6.25
N ALA A 543 -47.02 -28.07 -7.19
CA ALA A 543 -45.87 -27.25 -6.88
C ALA A 543 -46.19 -26.27 -5.76
N ASP A 544 -45.62 -26.50 -4.59
CA ASP A 544 -45.81 -25.64 -3.43
C ASP A 544 -44.43 -25.20 -2.96
N ASP A 545 -44.24 -23.88 -2.85
CA ASP A 545 -42.96 -23.32 -2.43
C ASP A 545 -42.27 -24.18 -1.37
N LYS A 546 -43.05 -24.66 -0.40
CA LYS A 546 -42.50 -25.49 0.66
C LYS A 546 -42.19 -26.90 0.14
N SER A 547 -43.05 -27.41 -0.73
CA SER A 547 -42.83 -28.75 -1.28
C SER A 547 -41.45 -28.79 -1.92
N PHE A 548 -41.14 -27.76 -2.72
CA PHE A 548 -39.84 -27.65 -3.40
C PHE A 548 -38.71 -27.49 -2.38
N GLN A 549 -38.92 -26.58 -1.43
CA GLN A 549 -37.95 -26.36 -0.38
C GLN A 549 -37.54 -27.72 0.19
N ASP A 550 -38.54 -28.52 0.53
CA ASP A 550 -38.39 -29.86 1.09
C ASP A 550 -37.45 -30.79 0.32
N TYR A 551 -37.74 -30.96 -0.98
CA TYR A 551 -36.96 -31.82 -1.85
C TYR A 551 -35.48 -31.43 -1.97
N SER A 552 -35.21 -30.14 -2.13
CA SER A 552 -33.84 -29.66 -2.26
C SER A 552 -33.01 -30.06 -1.03
N TYR A 553 -33.55 -29.83 0.17
CA TYR A 553 -32.84 -30.20 1.40
C TYR A 553 -32.57 -31.68 1.34
N GLN A 554 -33.63 -32.47 1.49
CA GLN A 554 -33.52 -33.91 1.44
C GLN A 554 -32.49 -34.26 0.39
N ASN A 555 -32.42 -33.43 -0.64
CA ASN A 555 -31.48 -33.64 -1.72
C ASN A 555 -30.09 -33.08 -1.47
N HIS A 556 -29.98 -32.03 -0.65
CA HIS A 556 -28.67 -31.46 -0.39
C HIS A 556 -28.24 -31.30 1.06
N ILE A 557 -28.73 -30.27 1.74
CA ILE A 557 -28.36 -30.00 3.12
C ILE A 557 -28.04 -31.25 3.91
N GLY A 558 -27.14 -31.08 4.86
CA GLY A 558 -26.70 -32.21 5.67
C GLY A 558 -25.58 -32.95 4.98
N LYS A 559 -25.44 -32.79 3.67
CA LYS A 559 -24.37 -33.49 2.96
C LYS A 559 -23.66 -32.81 1.81
N ASN A 560 -23.67 -31.48 1.84
CA ASN A 560 -22.97 -30.70 0.83
C ASN A 560 -22.54 -29.45 1.55
N ARG A 561 -21.32 -28.98 1.27
CA ARG A 561 -20.76 -27.82 1.95
C ARG A 561 -20.77 -26.62 1.04
N MET A 562 -21.91 -26.32 0.45
CA MET A 562 -22.01 -25.21 -0.47
C MET A 562 -23.45 -24.86 -0.31
N PHE A 563 -24.18 -25.83 0.24
CA PHE A 563 -25.60 -25.66 0.50
C PHE A 563 -25.75 -25.65 2.01
N THR A 564 -25.93 -24.47 2.57
CA THR A 564 -26.05 -24.33 4.02
C THR A 564 -27.44 -23.89 4.46
N LYS A 565 -27.52 -23.25 5.62
CA LYS A 565 -28.80 -22.78 6.14
C LYS A 565 -28.61 -21.39 6.79
N PRO A 566 -29.45 -20.42 6.39
CA PRO A 566 -29.48 -19.01 6.83
C PRO A 566 -28.84 -18.71 8.17
N GLY A 567 -27.55 -18.41 8.12
CA GLY A 567 -26.77 -18.11 9.30
C GLY A 567 -27.21 -16.93 10.14
N LYS A 568 -26.23 -16.12 10.53
CA LYS A 568 -26.47 -14.95 11.36
C LYS A 568 -26.79 -13.72 10.54
N PRO A 569 -27.81 -12.96 10.96
CA PRO A 569 -28.21 -11.72 10.26
C PRO A 569 -27.02 -10.77 10.30
N THR A 570 -26.37 -10.59 9.16
CA THR A 570 -25.19 -9.74 9.08
C THR A 570 -25.38 -8.22 9.11
N ARG A 571 -26.16 -7.68 8.20
CA ARG A 571 -26.40 -6.23 8.11
C ARG A 571 -27.74 -5.82 8.76
N PRO A 572 -28.28 -4.63 8.40
CA PRO A 572 -29.55 -4.15 8.94
C PRO A 572 -30.59 -5.23 9.29
N ASN A 573 -31.73 -5.16 8.61
CA ASN A 573 -32.77 -6.13 8.86
C ASN A 573 -33.07 -6.97 7.62
N GLN A 574 -32.31 -8.07 7.51
CA GLN A 574 -32.38 -9.05 6.44
C GLN A 574 -33.81 -9.49 6.05
N GLY A 575 -33.91 -10.23 4.95
CA GLY A 575 -35.21 -10.68 4.48
C GLY A 575 -35.24 -12.20 4.55
N HIS A 576 -35.14 -12.72 5.77
CA HIS A 576 -35.10 -14.17 6.07
C HIS A 576 -35.46 -15.09 4.90
N ALA A 577 -34.59 -16.06 4.65
CA ALA A 577 -34.77 -17.00 3.56
C ALA A 577 -34.62 -18.48 3.94
N HIS A 578 -34.60 -19.35 2.91
CA HIS A 578 -34.50 -20.81 3.10
C HIS A 578 -33.10 -21.42 3.00
N PHE A 579 -32.15 -20.71 2.44
CA PHE A 579 -30.79 -21.26 2.36
C PHE A 579 -29.69 -20.30 1.91
N GLU A 580 -28.46 -20.79 1.93
CA GLU A 580 -27.26 -20.02 1.58
C GLU A 580 -26.33 -20.79 0.63
N LEU A 581 -26.08 -20.25 -0.56
CA LEU A 581 -25.17 -20.90 -1.51
C LEU A 581 -23.76 -20.30 -1.35
N HIS A 582 -22.76 -21.18 -1.27
CA HIS A 582 -21.37 -20.78 -1.08
C HIS A 582 -20.71 -20.31 -2.38
N HIS A 583 -20.85 -19.01 -2.67
CA HIS A 583 -20.29 -18.39 -3.87
C HIS A 583 -18.89 -17.81 -3.68
N TYR A 584 -18.10 -17.83 -4.75
CA TYR A 584 -16.77 -17.28 -4.68
C TYR A 584 -16.85 -15.97 -3.91
N ALA A 585 -17.88 -15.20 -4.24
CA ALA A 585 -18.10 -13.91 -3.62
C ALA A 585 -18.40 -14.05 -2.15
N GLY A 586 -19.00 -15.18 -1.80
CA GLY A 586 -19.36 -15.41 -0.42
C GLY A 586 -20.57 -16.32 -0.38
N ASN A 587 -21.11 -16.52 0.82
CA ASN A 587 -22.28 -17.37 0.96
C ASN A 587 -23.51 -16.47 0.84
N VAL A 588 -24.32 -16.74 -0.17
CA VAL A 588 -25.52 -15.94 -0.44
C VAL A 588 -26.80 -16.57 0.05
N PRO A 589 -27.70 -15.75 0.61
CA PRO A 589 -29.01 -16.18 1.14
C PRO A 589 -30.08 -16.10 0.05
N TYR A 590 -30.60 -17.26 -0.34
CA TYR A 590 -31.62 -17.32 -1.39
C TYR A 590 -32.97 -17.77 -0.86
N SER A 591 -33.99 -16.93 -1.05
CA SER A 591 -35.35 -17.20 -0.59
C SER A 591 -36.19 -17.89 -1.66
N ILE A 592 -36.01 -19.20 -1.86
CA ILE A 592 -36.76 -19.94 -2.88
C ILE A 592 -38.30 -19.81 -2.85
N ALA A 593 -38.77 -18.66 -2.40
CA ALA A 593 -40.18 -18.39 -2.32
C ALA A 593 -40.76 -17.86 -3.62
N GLY A 594 -41.75 -18.56 -4.16
CA GLY A 594 -42.36 -18.12 -5.40
C GLY A 594 -41.49 -18.36 -6.60
N TRP A 595 -40.63 -19.37 -6.53
CA TRP A 595 -39.75 -19.70 -7.64
C TRP A 595 -40.49 -20.52 -8.69
N LEU A 596 -41.11 -21.61 -8.25
CA LEU A 596 -41.84 -22.51 -9.14
C LEU A 596 -42.99 -21.77 -9.81
N ASP A 597 -43.08 -20.48 -9.50
CA ASP A 597 -44.12 -19.58 -9.98
C ASP A 597 -43.61 -18.58 -11.00
N LYS A 598 -42.35 -18.18 -10.89
CA LYS A 598 -41.78 -17.21 -11.81
C LYS A 598 -41.10 -17.88 -13.01
N ASN A 599 -40.53 -19.06 -12.78
CA ASN A 599 -39.80 -19.78 -13.80
C ASN A 599 -40.54 -20.49 -14.92
N LYS A 600 -41.86 -20.61 -14.82
CA LYS A 600 -42.60 -21.34 -15.87
C LYS A 600 -42.78 -20.62 -17.21
N ASP A 601 -42.08 -21.10 -18.24
CA ASP A 601 -42.15 -20.54 -19.59
C ASP A 601 -42.80 -21.57 -20.52
N PRO A 602 -44.15 -21.73 -20.43
CA PRO A 602 -45.00 -22.65 -21.21
C PRO A 602 -45.19 -22.26 -22.70
N ILE A 603 -45.55 -23.24 -23.52
CA ILE A 603 -45.73 -22.97 -24.94
C ILE A 603 -47.08 -23.46 -25.44
N ASN A 604 -47.93 -22.52 -25.87
CA ASN A 604 -49.24 -22.90 -26.42
C ASN A 604 -49.20 -22.91 -27.96
N GLU A 605 -48.78 -24.06 -28.49
CA GLU A 605 -48.63 -24.28 -29.93
C GLU A 605 -49.89 -24.03 -30.79
N ASN A 606 -50.25 -22.77 -30.93
CA ASN A 606 -51.41 -22.33 -31.71
C ASN A 606 -51.17 -20.86 -31.90
N VAL A 607 -51.09 -20.15 -30.77
CA VAL A 607 -50.86 -18.71 -30.72
C VAL A 607 -49.71 -18.43 -31.66
N VAL A 608 -48.77 -19.36 -31.65
CA VAL A 608 -47.58 -19.34 -32.49
C VAL A 608 -48.01 -19.12 -33.93
N SER A 609 -48.68 -20.14 -34.47
CA SER A 609 -49.25 -20.18 -35.82
C SER A 609 -50.16 -18.96 -35.93
N LEU A 610 -51.10 -18.89 -34.99
CA LEU A 610 -52.07 -17.82 -34.85
C LEU A 610 -51.41 -16.46 -35.02
N LEU A 611 -50.33 -16.23 -34.27
CA LEU A 611 -49.55 -15.00 -34.39
C LEU A 611 -48.64 -15.13 -35.59
N ALA A 612 -48.31 -16.38 -35.96
CA ALA A 612 -47.41 -16.62 -37.10
C ALA A 612 -47.68 -15.70 -38.25
N VAL A 613 -48.70 -15.99 -39.04
CA VAL A 613 -49.00 -15.15 -40.20
C VAL A 613 -50.25 -14.21 -40.27
N SER A 614 -50.73 -13.72 -39.12
CA SER A 614 -51.90 -12.81 -39.04
C SER A 614 -52.12 -11.98 -40.26
N LYS A 615 -51.47 -10.80 -40.29
CA LYS A 615 -51.59 -9.92 -41.44
C LYS A 615 -50.33 -9.11 -41.62
N GLU A 616 -49.64 -8.82 -40.51
CA GLU A 616 -48.36 -8.08 -40.55
C GLU A 616 -47.13 -8.97 -40.80
N PRO A 617 -46.22 -8.49 -41.66
CA PRO A 617 -45.02 -9.25 -42.01
C PRO A 617 -44.27 -9.83 -40.78
N LEU A 618 -43.71 -8.96 -39.94
CA LEU A 618 -42.95 -9.40 -38.76
C LEU A 618 -43.73 -10.54 -38.11
N VAL A 619 -44.89 -10.18 -37.58
CA VAL A 619 -45.76 -11.10 -36.90
C VAL A 619 -45.58 -12.47 -37.54
N ALA A 620 -45.37 -12.47 -38.84
CA ALA A 620 -45.17 -13.71 -39.57
C ALA A 620 -43.84 -14.43 -39.23
N GLU A 621 -42.75 -13.98 -39.87
CA GLU A 621 -41.40 -14.54 -39.69
C GLU A 621 -41.00 -14.89 -38.25
N LEU A 622 -41.12 -13.94 -37.31
CA LEU A 622 -40.81 -14.20 -35.90
C LEU A 622 -41.36 -15.59 -35.50
N PHE A 623 -42.59 -15.62 -35.02
CA PHE A 623 -43.19 -16.88 -34.64
C PHE A 623 -42.94 -17.87 -35.79
N ARG A 624 -42.74 -17.35 -37.02
CA ARG A 624 -42.49 -18.21 -38.17
C ARG A 624 -41.19 -18.99 -37.98
N ALA A 625 -40.14 -18.54 -38.67
CA ALA A 625 -38.84 -19.21 -38.57
C ALA A 625 -38.96 -20.73 -38.88
N ALA A 643 -44.55 -28.93 -24.47
CA ALA A 643 -43.58 -27.89 -24.14
C ALA A 643 -43.80 -27.46 -22.70
N PHE A 644 -44.11 -26.18 -22.52
CA PHE A 644 -44.32 -25.67 -21.17
C PHE A 644 -43.03 -25.92 -20.36
N GLN A 645 -41.93 -25.35 -20.86
CA GLN A 645 -40.59 -25.44 -20.28
C GLN A 645 -40.23 -24.35 -19.28
N THR A 646 -38.95 -23.97 -19.21
CA THR A 646 -38.53 -23.00 -18.21
C THR A 646 -37.46 -21.98 -18.61
N ILE A 647 -37.46 -20.86 -17.89
CA ILE A 647 -36.49 -19.80 -18.13
C ILE A 647 -35.11 -20.39 -17.93
N SER A 648 -34.85 -20.86 -16.71
CA SER A 648 -33.59 -21.49 -16.34
C SER A 648 -33.13 -22.44 -17.43
N ALA A 649 -34.07 -23.25 -17.93
CA ALA A 649 -33.80 -24.23 -18.97
C ALA A 649 -33.14 -23.57 -20.17
N VAL A 650 -33.61 -22.37 -20.50
CA VAL A 650 -33.05 -21.61 -21.61
C VAL A 650 -31.80 -20.97 -21.06
N HIS A 651 -31.95 -20.32 -19.91
CA HIS A 651 -30.83 -19.67 -19.27
C HIS A 651 -29.65 -20.62 -19.34
N ARG A 652 -29.86 -21.78 -18.74
CA ARG A 652 -28.84 -22.82 -18.70
C ARG A 652 -28.11 -22.95 -20.02
N GLU A 653 -28.85 -23.23 -21.09
CA GLU A 653 -28.24 -23.40 -22.39
C GLU A 653 -27.68 -22.07 -22.91
N SER A 654 -28.53 -21.07 -23.11
CA SER A 654 -28.03 -19.77 -23.62
C SER A 654 -26.66 -19.49 -23.01
N LEU A 655 -26.56 -19.76 -21.71
CA LEU A 655 -25.31 -19.57 -20.99
C LEU A 655 -24.21 -20.35 -21.70
N ASN A 656 -24.41 -21.65 -21.82
CA ASN A 656 -23.44 -22.49 -22.49
C ASN A 656 -22.96 -21.75 -23.73
N LYS A 657 -23.93 -21.41 -24.58
CA LYS A 657 -23.70 -20.68 -25.82
C LYS A 657 -22.67 -19.58 -25.57
N LEU A 658 -22.86 -18.88 -24.45
CA LEU A 658 -21.94 -17.82 -24.07
C LEU A 658 -20.62 -18.40 -23.61
N MET A 659 -20.63 -19.17 -22.54
CA MET A 659 -19.39 -19.75 -22.06
C MET A 659 -18.62 -20.43 -23.18
N CYS A 660 -19.19 -21.50 -23.73
CA CYS A 660 -18.53 -22.22 -24.82
C CYS A 660 -17.81 -21.24 -25.74
N ASN A 661 -18.52 -20.23 -26.22
CA ASN A 661 -17.92 -19.28 -27.12
C ASN A 661 -16.62 -18.82 -26.49
N LEU A 662 -16.72 -18.21 -25.31
CA LEU A 662 -15.56 -17.70 -24.59
C LEU A 662 -14.36 -18.62 -24.50
N ARG A 663 -14.62 -19.90 -24.20
CA ARG A 663 -13.57 -20.90 -24.04
C ARG A 663 -12.68 -21.05 -25.26
N ARG A 664 -12.70 -20.02 -26.09
CA ARG A 664 -11.89 -19.98 -27.29
C ARG A 664 -11.77 -18.52 -27.66
N THR A 665 -10.96 -17.83 -26.87
CA THR A 665 -10.65 -16.40 -27.02
C THR A 665 -9.73 -15.94 -25.87
N ASN A 666 -8.53 -15.48 -26.20
CA ASN A 666 -7.59 -14.99 -25.19
C ASN A 666 -8.38 -13.93 -24.47
N PRO A 667 -8.76 -14.21 -23.23
CA PRO A 667 -9.54 -13.33 -22.36
C PRO A 667 -8.83 -12.07 -21.89
N HIS A 668 -9.61 -11.05 -21.66
CA HIS A 668 -9.10 -9.78 -21.20
C HIS A 668 -10.10 -9.32 -20.18
N PHE A 669 -9.75 -8.34 -19.38
CA PHE A 669 -10.68 -7.94 -18.37
C PHE A 669 -10.58 -6.47 -18.15
N VAL A 670 -11.59 -5.92 -17.50
CA VAL A 670 -11.67 -4.51 -17.18
C VAL A 670 -12.73 -4.47 -16.10
N ARG A 671 -12.36 -3.95 -14.94
CA ARG A 671 -13.32 -3.83 -13.86
C ARG A 671 -13.41 -2.38 -13.43
N CYS A 672 -14.43 -1.72 -13.92
CA CYS A 672 -14.67 -0.33 -13.62
C CYS A 672 -15.29 -0.35 -12.23
N ILE A 673 -15.10 0.70 -11.46
CA ILE A 673 -15.67 0.77 -10.12
C ILE A 673 -16.26 2.15 -9.80
N ILE A 674 -17.46 2.16 -9.26
CA ILE A 674 -18.09 3.41 -8.89
C ILE A 674 -17.51 3.86 -7.54
N PRO A 675 -16.56 4.80 -7.56
CA PRO A 675 -15.95 5.28 -6.33
C PRO A 675 -16.98 5.45 -5.27
N ASN A 676 -17.98 6.28 -5.54
CA ASN A 676 -19.01 6.46 -4.55
C ASN A 676 -20.42 6.66 -5.10
N LEU A 677 -21.38 6.60 -4.18
CA LEU A 677 -22.81 6.70 -4.42
C LEU A 677 -23.35 8.14 -4.53
N GLU A 678 -22.45 9.10 -4.71
CA GLU A 678 -22.84 10.51 -4.78
C GLU A 678 -22.06 11.27 -5.86
N LYS A 679 -21.84 10.62 -7.00
CA LYS A 679 -21.11 11.22 -8.11
C LYS A 679 -20.21 12.36 -7.64
N ASP A 680 -19.56 12.17 -6.50
CA ASP A 680 -18.69 13.17 -5.92
C ASP A 680 -17.22 12.76 -6.03
N PRO A 681 -16.46 13.39 -6.95
CA PRO A 681 -15.05 13.08 -7.15
C PRO A 681 -14.23 13.15 -5.86
N GLY A 682 -13.17 12.34 -5.80
CA GLY A 682 -12.33 12.33 -4.62
C GLY A 682 -12.86 11.38 -3.56
N LEU A 683 -14.14 11.52 -3.22
CA LEU A 683 -14.78 10.66 -2.24
C LEU A 683 -14.57 9.20 -2.58
N VAL A 684 -14.58 8.36 -1.56
CA VAL A 684 -14.43 6.93 -1.75
C VAL A 684 -15.02 6.21 -0.56
N ASP A 685 -16.18 5.58 -0.78
CA ASP A 685 -16.82 4.81 0.29
C ASP A 685 -16.26 3.39 0.16
N ALA A 686 -15.05 3.22 0.67
CA ALA A 686 -14.36 1.94 0.64
C ALA A 686 -15.38 0.83 0.64
N GLU A 687 -16.25 0.84 1.63
CA GLU A 687 -17.29 -0.17 1.75
C GLU A 687 -17.87 -0.51 0.39
N LEU A 688 -18.24 0.51 -0.35
CA LEU A 688 -18.83 0.31 -1.67
C LEU A 688 -17.87 -0.27 -2.71
N VAL A 689 -16.58 -0.33 -2.39
CA VAL A 689 -15.57 -0.88 -3.31
C VAL A 689 -15.23 -2.32 -2.87
N LEU A 690 -15.15 -2.53 -1.56
CA LEU A 690 -14.84 -3.84 -1.02
C LEU A 690 -15.91 -4.83 -1.48
N HIS A 691 -17.15 -4.36 -1.53
CA HIS A 691 -18.26 -5.21 -1.99
C HIS A 691 -18.07 -5.37 -3.49
N GLN A 692 -17.70 -4.29 -4.16
CA GLN A 692 -17.49 -4.36 -5.59
C GLN A 692 -16.32 -5.25 -5.90
N LEU A 693 -15.16 -4.95 -5.32
CA LEU A 693 -13.98 -5.78 -5.57
C LEU A 693 -14.21 -7.22 -5.12
N GLN A 694 -15.20 -7.44 -4.27
CA GLN A 694 -15.56 -8.76 -3.79
C GLN A 694 -16.35 -9.50 -4.88
N CYS A 695 -17.07 -8.72 -5.70
CA CYS A 695 -17.89 -9.25 -6.80
C CYS A 695 -17.24 -9.18 -8.20
N ASN A 696 -16.06 -8.58 -8.27
CA ASN A 696 -15.27 -8.45 -9.49
C ASN A 696 -14.53 -9.76 -9.79
N GLY A 697 -13.99 -10.38 -8.74
CA GLY A 697 -13.22 -11.60 -8.91
C GLY A 697 -11.81 -11.24 -8.50
N VAL A 698 -11.51 -9.95 -8.58
CA VAL A 698 -10.20 -9.43 -8.20
C VAL A 698 -9.79 -10.05 -6.87
N LEU A 699 -10.56 -9.78 -5.82
CA LEU A 699 -10.22 -10.32 -4.53
C LEU A 699 -9.98 -11.84 -4.63
N GLU A 700 -10.76 -12.57 -5.41
CA GLU A 700 -10.54 -14.02 -5.46
C GLU A 700 -9.31 -14.36 -6.26
N GLY A 701 -9.04 -13.58 -7.29
CA GLY A 701 -7.87 -13.84 -8.09
C GLY A 701 -6.69 -13.74 -7.14
N ILE A 702 -6.80 -12.80 -6.19
CA ILE A 702 -5.79 -12.60 -5.17
C ILE A 702 -5.70 -13.93 -4.42
N ARG A 703 -6.78 -14.29 -3.70
CA ARG A 703 -6.81 -15.55 -2.97
C ARG A 703 -6.12 -16.62 -3.81
N ILE A 704 -6.42 -16.64 -5.10
CA ILE A 704 -5.79 -17.61 -5.99
C ILE A 704 -4.29 -17.38 -6.05
N CYS A 705 -3.92 -16.10 -6.15
CA CYS A 705 -2.54 -15.67 -6.24
C CYS A 705 -1.81 -16.07 -4.94
N ARG A 706 -2.37 -15.63 -3.82
CA ARG A 706 -1.82 -15.89 -2.49
C ARG A 706 -1.18 -17.26 -2.36
N LYS A 707 -1.95 -18.30 -2.67
CA LYS A 707 -1.48 -19.68 -2.58
C LYS A 707 -0.04 -19.91 -3.06
N GLY A 708 0.16 -19.85 -4.37
CA GLY A 708 1.47 -20.09 -4.95
C GLY A 708 2.60 -19.13 -4.60
N PHE A 709 3.46 -18.84 -5.58
CA PHE A 709 4.58 -17.92 -5.38
C PHE A 709 4.41 -16.65 -6.22
N PRO A 710 3.67 -15.67 -5.68
CA PRO A 710 3.41 -14.40 -6.36
C PRO A 710 4.71 -13.62 -6.47
N SER A 711 4.80 -12.54 -5.71
CA SER A 711 5.98 -11.68 -5.71
C SER A 711 7.25 -12.31 -6.31
N ARG A 712 7.45 -12.12 -7.61
CA ARG A 712 8.64 -12.67 -8.27
C ARG A 712 9.64 -11.54 -8.41
N LEU A 713 10.89 -11.86 -8.76
CA LEU A 713 11.92 -10.82 -8.90
C LEU A 713 13.11 -11.20 -9.79
N ILE A 714 13.60 -10.23 -10.55
CA ILE A 714 14.76 -10.46 -11.41
C ILE A 714 15.95 -10.55 -10.47
N TYR A 715 16.78 -11.58 -10.61
CA TYR A 715 17.95 -11.70 -9.75
C TYR A 715 18.66 -10.36 -9.82
N SER A 716 18.56 -9.71 -10.99
CA SER A 716 19.17 -8.41 -11.25
C SER A 716 18.73 -7.38 -10.21
N GLU A 717 17.42 -7.10 -10.20
CA GLU A 717 16.83 -6.13 -9.28
C GLU A 717 16.68 -6.73 -7.88
N PHE A 718 17.06 -8.00 -7.73
CA PHE A 718 16.99 -8.68 -6.43
C PHE A 718 18.26 -8.47 -5.62
N LYS A 719 19.42 -8.76 -6.23
CA LYS A 719 20.66 -8.58 -5.51
C LYS A 719 20.82 -7.13 -4.99
N GLN A 720 20.91 -6.16 -5.89
CA GLN A 720 21.07 -4.76 -5.50
C GLN A 720 20.11 -4.31 -4.39
N ARG A 721 18.89 -4.82 -4.42
CA ARG A 721 17.91 -4.43 -3.41
C ARG A 721 18.11 -5.13 -2.08
N TYR A 722 18.52 -6.39 -2.14
CA TYR A 722 18.74 -7.19 -0.94
C TYR A 722 20.12 -7.80 -0.81
N SER A 723 21.16 -7.03 -1.12
CA SER A 723 22.51 -7.52 -1.04
C SER A 723 23.02 -7.21 0.35
N ILE A 724 22.40 -6.20 0.95
CA ILE A 724 22.76 -5.75 2.28
C ILE A 724 22.49 -6.74 3.38
N LEU A 725 21.65 -7.74 3.10
CA LEU A 725 21.31 -8.72 4.12
C LEU A 725 22.40 -9.76 4.40
N ALA A 726 23.48 -9.72 3.64
CA ALA A 726 24.60 -10.66 3.84
C ALA A 726 25.71 -10.25 2.92
N PRO A 727 26.25 -9.04 3.13
CA PRO A 727 27.34 -8.42 2.38
C PRO A 727 28.65 -9.15 2.41
N ASN A 728 28.91 -9.86 3.49
CA ASN A 728 30.16 -10.57 3.64
C ASN A 728 30.31 -11.91 2.92
N ALA A 729 29.23 -12.43 2.35
CA ALA A 729 29.31 -13.71 1.63
C ALA A 729 29.22 -13.53 0.10
N ILE A 730 29.35 -12.29 -0.37
CA ILE A 730 29.29 -12.01 -1.80
C ILE A 730 30.69 -11.87 -2.36
N PRO A 731 31.16 -12.85 -3.14
CA PRO A 731 32.49 -12.81 -3.74
C PRO A 731 32.99 -11.42 -4.14
N GLN A 732 32.09 -10.59 -4.67
CA GLN A 732 32.44 -9.21 -5.06
C GLN A 732 33.47 -9.17 -6.19
N ASP A 736 28.41 -12.30 -10.70
CA ASP A 736 27.20 -12.78 -11.37
C ASP A 736 25.95 -12.10 -10.77
N GLY A 737 24.79 -12.71 -10.98
CA GLY A 737 23.55 -12.17 -10.48
C GLY A 737 22.60 -13.28 -10.07
N LYS A 738 22.48 -14.30 -10.91
CA LYS A 738 21.62 -15.42 -10.58
C LYS A 738 22.28 -16.20 -9.46
N THR A 739 23.48 -15.75 -9.09
CA THR A 739 24.24 -16.35 -8.01
C THR A 739 24.21 -15.43 -6.80
N VAL A 740 24.74 -14.21 -6.97
CA VAL A 740 24.75 -13.26 -5.87
C VAL A 740 23.50 -13.48 -5.04
N SER A 741 22.35 -13.57 -5.72
CA SER A 741 21.07 -13.77 -5.05
C SER A 741 21.00 -15.19 -4.50
N GLU A 742 21.42 -16.16 -5.32
CA GLU A 742 21.46 -17.55 -4.92
C GLU A 742 21.89 -17.54 -3.47
N LYS A 743 23.07 -17.00 -3.25
CA LYS A 743 23.64 -16.90 -1.92
C LYS A 743 22.75 -16.17 -0.96
N ILE A 744 22.71 -14.85 -1.06
CA ILE A 744 21.91 -14.07 -0.14
C ILE A 744 20.80 -14.91 0.51
N LEU A 745 19.92 -15.49 -0.29
CA LEU A 745 18.82 -16.28 0.26
C LEU A 745 19.39 -17.38 1.15
N THR A 746 20.43 -18.04 0.66
CA THR A 746 21.13 -19.11 1.35
C THR A 746 21.75 -18.68 2.70
N GLY A 747 22.72 -17.79 2.67
CA GLY A 747 23.35 -17.38 3.91
C GLY A 747 22.32 -16.89 4.90
N LEU A 748 21.29 -16.26 4.36
CA LEU A 748 20.20 -15.70 5.18
C LEU A 748 19.36 -16.68 5.94
N GLN A 749 19.34 -17.93 5.46
CA GLN A 749 18.60 -19.04 6.04
C GLN A 749 17.18 -19.20 5.44
N MET A 750 17.01 -18.56 4.29
CA MET A 750 15.75 -18.61 3.57
C MET A 750 15.22 -20.04 3.51
N ASP A 751 14.03 -20.25 4.08
CA ASP A 751 13.40 -21.56 4.10
C ASP A 751 12.86 -22.01 2.72
N PRO A 752 13.41 -23.10 2.16
CA PRO A 752 12.96 -23.60 0.86
C PRO A 752 11.47 -23.44 0.63
N SER A 753 10.65 -23.71 1.64
CA SER A 753 9.21 -23.54 1.46
C SER A 753 8.96 -22.21 0.79
N GLU A 754 9.35 -21.14 1.48
CA GLU A 754 9.20 -19.76 1.04
C GLU A 754 9.36 -19.43 -0.44
N TYR A 755 10.38 -19.99 -1.10
CA TYR A 755 10.57 -19.63 -2.50
C TYR A 755 10.77 -20.72 -3.52
N ARG A 756 11.26 -20.30 -4.68
CA ARG A 756 11.52 -21.18 -5.80
C ARG A 756 12.29 -20.36 -6.86
N LEU A 757 13.51 -20.77 -7.18
CA LEU A 757 14.33 -20.07 -8.16
C LEU A 757 13.88 -20.45 -9.55
N GLY A 758 13.73 -19.50 -10.45
CA GLY A 758 13.31 -19.85 -11.80
C GLY A 758 14.51 -20.16 -12.66
N THR A 759 14.98 -19.12 -13.33
CA THR A 759 16.16 -19.19 -14.19
C THR A 759 16.52 -17.75 -14.49
N THR A 760 15.48 -16.95 -14.69
CA THR A 760 15.63 -15.52 -14.97
C THR A 760 15.35 -14.75 -13.68
N LYS A 761 14.38 -15.25 -12.92
CA LYS A 761 14.00 -14.61 -11.67
C LYS A 761 13.64 -15.55 -10.51
N VAL A 762 13.50 -14.97 -9.31
CA VAL A 762 13.19 -15.72 -8.09
C VAL A 762 11.82 -15.37 -7.47
N PHE A 763 11.05 -16.40 -7.08
CA PHE A 763 9.69 -16.26 -6.50
C PHE A 763 9.66 -16.53 -4.99
N PHE A 764 8.96 -15.71 -4.21
CA PHE A 764 8.88 -15.92 -2.75
C PHE A 764 7.42 -15.99 -2.28
N LYS A 765 7.17 -16.62 -1.14
CA LYS A 765 5.78 -16.71 -0.65
C LYS A 765 5.21 -15.34 -0.26
N ALA A 766 3.92 -15.15 -0.52
CA ALA A 766 3.31 -13.87 -0.19
C ALA A 766 3.64 -13.52 1.23
N GLY A 767 4.19 -12.32 1.38
CA GLY A 767 4.57 -11.81 2.69
C GLY A 767 6.06 -11.95 2.94
N VAL A 768 6.72 -12.68 2.06
CA VAL A 768 8.15 -12.91 2.22
C VAL A 768 8.93 -11.63 2.15
N LEU A 769 8.88 -10.94 1.01
CA LEU A 769 9.62 -9.69 0.87
C LEU A 769 9.39 -8.84 2.09
N GLY A 770 8.16 -8.88 2.60
CA GLY A 770 7.83 -8.13 3.78
C GLY A 770 8.95 -8.32 4.78
N ASN A 771 9.27 -9.57 5.12
CA ASN A 771 10.36 -9.80 6.05
C ASN A 771 11.58 -9.17 5.44
N LEU A 772 12.02 -9.68 4.31
CA LEU A 772 13.18 -9.11 3.64
C LEU A 772 13.28 -7.58 3.81
N GLU A 773 12.20 -6.85 3.52
CA GLU A 773 12.24 -5.41 3.68
C GLU A 773 12.70 -5.13 5.09
N GLU A 774 11.78 -5.30 6.03
CA GLU A 774 12.05 -5.10 7.45
C GLU A 774 13.51 -5.40 7.81
N MET A 775 14.04 -6.52 7.30
CA MET A 775 15.43 -6.87 7.58
C MET A 775 16.34 -5.76 7.03
N ARG A 776 16.22 -5.47 5.75
CA ARG A 776 16.99 -4.40 5.14
C ARG A 776 16.91 -3.22 6.11
N ASP A 777 15.70 -2.77 6.35
CA ASP A 777 15.40 -1.65 7.21
C ASP A 777 16.25 -1.48 8.49
N GLU A 778 16.62 -2.58 9.15
CA GLU A 778 17.41 -2.50 10.38
C GLU A 778 18.91 -2.60 10.11
N ARG A 779 19.29 -3.53 9.26
CA ARG A 779 20.69 -3.69 8.93
C ARG A 779 21.32 -2.40 8.42
N LEU A 780 20.71 -1.79 7.40
CA LEU A 780 21.23 -0.54 6.86
C LEU A 780 21.39 0.31 8.07
N SER A 781 20.25 0.61 8.69
CA SER A 781 20.19 1.41 9.90
C SER A 781 21.37 1.05 10.79
N LYS A 782 21.54 -0.22 11.11
CA LYS A 782 22.67 -0.57 11.92
C LYS A 782 23.96 -0.34 11.17
N ILE A 783 24.23 -1.16 10.16
CA ILE A 783 25.46 -1.00 9.40
C ILE A 783 25.91 0.46 9.35
N ILE A 784 24.96 1.38 9.26
CA ILE A 784 25.34 2.78 9.23
C ILE A 784 25.91 3.13 10.59
N SER A 785 25.16 2.83 11.65
CA SER A 785 25.59 3.09 13.01
C SER A 785 26.94 2.48 13.30
N MET A 786 27.16 1.26 12.83
CA MET A 786 28.46 0.67 13.05
C MET A 786 29.42 1.62 12.39
N PHE A 787 29.14 1.97 11.13
CA PHE A 787 30.01 2.92 10.44
C PHE A 787 30.12 4.22 11.24
N GLN A 788 29.03 4.68 11.82
CA GLN A 788 29.10 5.90 12.61
C GLN A 788 29.98 5.63 13.81
N ALA A 789 29.69 4.55 14.51
CA ALA A 789 30.49 4.24 15.69
C ALA A 789 31.91 3.77 15.35
N HIS A 790 32.36 3.97 14.12
CA HIS A 790 33.70 3.56 13.73
C HIS A 790 34.48 4.83 13.41
N ILE A 791 33.72 5.93 13.37
CA ILE A 791 34.13 7.31 13.14
C ILE A 791 34.48 7.88 14.53
N ARG A 792 33.61 7.53 15.49
CA ARG A 792 33.77 7.95 16.87
C ARG A 792 35.05 7.35 17.42
N GLY A 793 35.43 6.19 16.89
CA GLY A 793 36.64 5.52 17.32
C GLY A 793 37.76 6.36 16.79
N TYR A 794 37.81 6.43 15.48
CA TYR A 794 38.83 7.21 14.80
C TYR A 794 39.05 8.57 15.49
N LEU A 795 38.06 9.45 15.39
CA LEU A 795 38.17 10.75 16.03
C LEU A 795 38.96 10.71 17.35
N ILE A 796 38.70 9.69 18.17
CA ILE A 796 39.39 9.57 19.44
C ILE A 796 40.74 8.88 19.40
N ARG A 797 40.89 7.85 18.57
CA ARG A 797 42.21 7.22 18.53
C ARG A 797 43.13 8.33 18.10
N LYS A 798 42.53 9.30 17.40
CA LYS A 798 43.30 10.43 16.94
C LYS A 798 43.87 11.26 18.08
N ALA A 799 42.99 11.91 18.83
CA ALA A 799 43.42 12.77 19.93
C ALA A 799 44.19 12.08 21.06
N TYR A 800 44.00 10.78 21.22
CA TYR A 800 44.66 10.05 22.29
C TYR A 800 45.98 10.67 22.67
N LYS A 801 47.00 10.47 21.84
CA LYS A 801 48.30 11.02 22.17
C LYS A 801 48.22 12.47 22.58
N LYS A 802 47.63 13.30 21.75
CA LYS A 802 47.60 14.71 22.10
C LYS A 802 47.10 14.78 23.51
N LEU A 803 46.33 13.78 23.88
CA LEU A 803 45.74 13.69 25.20
C LEU A 803 46.69 13.20 26.26
N GLN A 804 47.69 12.41 25.87
CA GLN A 804 48.67 11.91 26.82
C GLN A 804 49.70 12.97 27.10
N ASP A 805 50.09 13.68 26.07
CA ASP A 805 51.07 14.72 26.30
C ASP A 805 50.38 15.68 27.25
N GLN A 806 49.17 16.10 26.89
CA GLN A 806 48.43 17.05 27.72
C GLN A 806 48.32 16.74 29.18
N ARG A 807 48.38 15.45 29.54
CA ARG A 807 48.30 15.11 30.97
C ARG A 807 49.51 15.76 31.67
N ILE A 808 50.72 15.32 31.31
CA ILE A 808 51.96 15.86 31.86
C ILE A 808 51.93 17.38 31.86
N GLY A 809 51.06 18.00 31.10
CA GLY A 809 51.10 19.44 31.16
C GLY A 809 50.24 19.92 32.33
N LEU A 810 49.02 19.38 32.40
CA LEU A 810 48.13 19.84 33.43
C LEU A 810 48.77 19.55 34.72
N SER A 811 49.65 18.55 34.72
CA SER A 811 50.36 18.19 35.94
C SER A 811 51.44 19.23 36.26
N VAL A 812 52.20 19.65 35.26
CA VAL A 812 53.23 20.62 35.51
C VAL A 812 52.56 21.89 35.90
N ILE A 813 51.49 22.25 35.19
CA ILE A 813 50.80 23.46 35.58
C ILE A 813 50.27 23.32 37.01
N GLN A 814 49.57 22.23 37.24
CA GLN A 814 48.99 21.92 38.53
C GLN A 814 50.04 21.81 39.60
N ARG A 815 51.20 21.31 39.26
CA ARG A 815 52.27 21.16 40.24
C ARG A 815 52.89 22.43 40.75
N ASN A 816 53.48 23.19 39.84
CA ASN A 816 54.16 24.40 40.25
C ASN A 816 53.19 25.46 40.74
N ILE A 817 52.04 25.65 40.09
CA ILE A 817 51.14 26.67 40.61
C ILE A 817 50.84 26.40 42.08
N ARG A 818 51.11 25.17 42.52
CA ARG A 818 50.92 24.79 43.93
C ARG A 818 52.16 25.27 44.66
N LYS A 819 53.32 24.83 44.18
CA LYS A 819 54.59 25.24 44.76
C LYS A 819 54.45 26.72 45.02
N TRP A 820 54.32 27.50 43.96
CA TRP A 820 54.17 28.94 44.08
C TRP A 820 53.15 29.32 45.13
N LEU A 821 51.99 28.66 45.11
CA LEU A 821 50.96 28.98 46.07
C LEU A 821 51.49 28.77 47.49
N VAL A 822 52.47 27.90 47.63
CA VAL A 822 53.08 27.63 48.93
C VAL A 822 54.06 28.73 49.35
N LEU A 823 55.04 29.01 48.50
CA LEU A 823 56.02 30.03 48.81
C LEU A 823 55.38 31.38 49.11
N ARG A 824 54.51 31.88 48.24
CA ARG A 824 53.96 33.21 48.52
C ARG A 824 53.16 33.28 49.82
N ASN A 825 52.82 32.14 50.38
CA ASN A 825 52.04 32.13 51.61
C ASN A 825 52.89 31.89 52.86
N TRP A 826 54.13 31.46 52.61
CA TRP A 826 55.11 31.17 53.63
C TRP A 826 55.52 32.47 54.32
N GLN A 827 55.44 32.51 55.64
CA GLN A 827 55.85 33.69 56.37
C GLN A 827 57.33 33.95 56.07
N TRP A 828 58.10 32.88 55.84
CA TRP A 828 59.52 33.02 55.54
C TRP A 828 59.73 33.71 54.21
N TRP A 829 58.95 33.31 53.22
CA TRP A 829 59.06 33.94 51.92
C TRP A 829 58.55 35.36 52.04
N LYS A 830 58.33 35.78 53.27
CA LYS A 830 57.90 37.14 53.56
C LYS A 830 59.17 37.88 53.97
N LEU A 831 60.12 37.14 54.56
CA LEU A 831 61.38 37.72 54.99
C LEU A 831 62.29 37.94 53.79
N TYR A 832 62.51 36.90 53.01
CA TYR A 832 63.37 37.04 51.84
C TYR A 832 62.87 38.16 50.95
N ALA A 833 61.61 38.08 50.54
CA ALA A 833 61.02 39.12 49.70
C ALA A 833 61.17 40.43 50.43
N LYS A 834 61.01 40.37 51.74
CA LYS A 834 61.10 41.55 52.60
C LYS A 834 62.34 42.39 52.29
N VAL A 835 63.52 41.82 52.48
CA VAL A 835 64.74 42.56 52.20
C VAL A 835 65.72 41.77 51.35
N LYS A 836 66.37 42.47 50.42
CA LYS A 836 67.36 41.89 49.54
C LYS A 836 68.50 42.90 49.52
N PRO A 837 69.17 43.09 50.68
CA PRO A 837 70.28 44.04 50.84
C PRO A 837 71.48 43.72 49.94
N ILE B 18 72.61 29.88 45.97
CA ILE B 18 73.42 29.65 47.19
C ILE B 18 73.93 30.98 47.73
N GLN B 19 73.85 32.02 46.91
CA GLN B 19 74.35 33.33 47.28
C GLN B 19 73.41 34.27 48.04
N GLU B 20 72.18 34.44 47.53
CA GLU B 20 71.22 35.35 48.15
C GLU B 20 70.79 35.00 49.57
N MET B 21 71.67 34.29 50.30
CA MET B 21 71.41 33.91 51.68
C MET B 21 72.60 34.33 52.54
N LYS B 22 73.79 34.36 51.94
CA LYS B 22 75.00 34.76 52.63
C LYS B 22 75.29 36.25 52.38
N GLU B 23 74.69 36.78 51.31
CA GLU B 23 74.86 38.19 50.96
C GLU B 23 73.94 39.00 51.87
N ALA B 24 72.73 38.48 52.06
CA ALA B 24 71.75 39.12 52.93
C ALA B 24 71.84 38.37 54.26
N PHE B 25 72.94 37.64 54.42
CA PHE B 25 73.21 36.84 55.61
C PHE B 25 73.23 37.67 56.89
N THR B 26 74.15 38.62 56.95
CA THR B 26 74.26 39.47 58.14
C THR B 26 72.93 39.91 58.72
N MET B 27 72.06 40.39 57.85
CA MET B 27 70.74 40.88 58.26
C MET B 27 69.74 39.78 58.61
N ILE B 28 70.11 38.53 58.42
CA ILE B 28 69.21 37.43 58.75
C ILE B 28 68.95 37.44 60.25
N ASP B 29 69.76 38.21 60.97
CA ASP B 29 69.62 38.33 62.41
C ASP B 29 70.03 39.73 62.86
N GLN B 30 69.65 40.12 64.07
CA GLN B 30 69.98 41.44 64.59
C GLN B 30 71.18 41.32 65.53
N ASN B 31 70.95 40.83 66.75
CA ASN B 31 72.05 40.62 67.68
C ASN B 31 72.70 39.42 66.96
N ARG B 32 74.01 39.33 66.90
CA ARG B 32 74.57 38.24 66.13
C ARG B 32 75.27 37.22 67.00
N ASP B 33 74.51 36.32 67.61
CA ASP B 33 75.09 35.30 68.49
C ASP B 33 75.71 34.17 67.67
N GLY B 34 76.03 34.48 66.42
CA GLY B 34 76.61 33.49 65.53
C GLY B 34 75.56 32.49 65.09
N PHE B 35 74.37 32.61 65.67
CA PHE B 35 73.25 31.73 65.38
C PHE B 35 71.98 32.53 65.16
N ILE B 36 70.90 32.08 65.77
CA ILE B 36 69.59 32.72 65.68
C ILE B 36 69.03 33.01 67.07
N ASP B 37 68.02 33.87 67.13
CA ASP B 37 67.39 34.25 68.39
C ASP B 37 65.92 34.58 68.14
N ILE B 38 65.02 33.97 68.92
CA ILE B 38 63.59 34.22 68.77
C ILE B 38 63.31 35.71 68.91
N ASN B 39 64.23 36.42 69.58
CA ASN B 39 64.09 37.86 69.81
C ASN B 39 64.77 38.72 68.74
N ASP B 40 65.71 38.13 68.01
CA ASP B 40 66.40 38.87 66.95
C ASP B 40 65.62 38.64 65.66
N LEU B 41 64.54 37.88 65.79
CA LEU B 41 63.66 37.54 64.68
C LEU B 41 62.80 38.78 64.42
N LYS B 42 62.07 39.19 65.45
CA LYS B 42 61.22 40.36 65.39
C LYS B 42 62.11 41.59 65.37
N GLU B 43 63.40 41.37 65.54
CA GLU B 43 64.38 42.43 65.53
C GLU B 43 64.38 43.07 64.15
N MET B 44 64.67 42.28 63.12
CA MET B 44 64.66 42.81 61.76
C MET B 44 63.34 42.53 61.04
N PHE B 45 62.32 42.17 61.82
CA PHE B 45 60.98 41.91 61.29
C PHE B 45 60.23 43.23 61.47
N SER B 46 59.94 43.55 62.73
CA SER B 46 59.24 44.78 63.09
C SER B 46 59.83 46.01 62.39
N SER B 47 61.15 46.03 62.25
CA SER B 47 61.85 47.16 61.62
C SER B 47 61.14 47.65 60.36
N LEU B 48 60.44 46.73 59.69
CA LEU B 48 59.74 47.05 58.46
C LEU B 48 58.22 47.18 58.67
N GLY B 49 57.63 46.22 59.38
CA GLY B 49 56.20 46.25 59.62
C GLY B 49 55.81 45.53 60.90
N ARG B 50 54.74 46.01 61.55
CA ARG B 50 54.28 45.42 62.80
C ARG B 50 54.30 43.91 62.72
N THR B 51 55.17 43.33 63.54
CA THR B 51 55.41 41.90 63.67
C THR B 51 54.12 41.07 63.91
N PRO B 52 54.27 39.76 64.19
CA PRO B 52 53.10 38.92 64.44
C PRO B 52 53.04 38.40 65.88
N ASP B 53 52.00 37.64 66.17
CA ASP B 53 51.77 37.10 67.50
C ASP B 53 52.69 35.94 67.84
N ASP B 54 53.17 35.94 69.08
CA ASP B 54 54.09 34.91 69.51
C ASP B 54 54.12 33.56 68.82
N LYS B 55 52.97 32.89 68.70
CA LYS B 55 52.95 31.54 68.09
C LYS B 55 53.49 31.47 66.68
N GLU B 56 53.36 32.58 65.97
CA GLU B 56 53.86 32.72 64.61
C GLU B 56 55.40 32.85 64.64
N LEU B 57 55.93 33.69 65.53
CA LEU B 57 57.38 33.92 65.67
C LEU B 57 58.00 32.61 66.12
N THR B 58 57.37 31.95 67.07
CA THR B 58 57.89 30.67 67.51
C THR B 58 57.63 29.57 66.48
N ALA B 59 56.38 29.42 66.02
CA ALA B 59 56.05 28.35 65.07
C ALA B 59 56.86 28.50 63.79
N MET B 60 57.17 29.74 63.45
CA MET B 60 57.91 30.03 62.25
C MET B 60 59.29 29.39 62.39
N LEU B 61 59.58 28.92 63.61
CA LEU B 61 60.84 28.27 63.91
C LEU B 61 60.63 26.76 63.98
N LYS B 62 59.38 26.36 64.16
CA LYS B 62 59.00 24.96 64.26
C LYS B 62 59.56 24.06 63.17
N GLU B 63 59.98 24.63 62.04
CA GLU B 63 60.52 23.80 60.97
C GLU B 63 61.79 23.08 61.37
N ALA B 64 62.95 23.71 61.17
CA ALA B 64 64.21 23.06 61.55
C ALA B 64 64.08 22.81 63.06
N PRO B 65 63.70 21.58 63.45
CA PRO B 65 63.50 21.10 64.82
C PRO B 65 64.50 21.51 65.90
N GLY B 66 65.00 22.75 65.83
CA GLY B 66 65.96 23.20 66.83
C GLY B 66 66.83 24.35 66.40
N PRO B 67 67.91 24.64 67.15
CA PRO B 67 68.84 25.73 66.85
C PRO B 67 69.27 25.73 65.38
N LEU B 68 68.69 26.64 64.62
CA LEU B 68 68.97 26.77 63.19
C LEU B 68 70.37 27.29 62.86
N ASN B 69 70.94 26.76 61.78
CA ASN B 69 72.27 27.18 61.30
C ASN B 69 72.08 27.54 59.83
N PHE B 70 73.15 27.91 59.12
CA PHE B 70 73.00 28.28 57.72
C PHE B 70 72.55 27.12 56.85
N THR B 71 73.26 26.00 56.92
CA THR B 71 72.91 24.81 56.14
C THR B 71 71.54 24.29 56.56
N MET B 72 71.18 24.51 57.81
CA MET B 72 69.89 24.06 58.34
C MET B 72 68.83 25.15 58.11
N PHE B 73 69.25 26.21 57.40
CA PHE B 73 68.38 27.31 57.04
C PHE B 73 68.01 27.04 55.58
N LEU B 74 69.04 26.75 54.78
CA LEU B 74 68.84 26.44 53.37
C LEU B 74 68.48 24.96 53.24
N SER B 75 67.81 24.44 54.26
CA SER B 75 67.36 23.06 54.27
C SER B 75 65.86 23.15 54.40
N ILE B 76 65.39 24.38 54.61
CA ILE B 76 63.97 24.71 54.72
C ILE B 76 63.72 25.61 53.52
N PHE B 77 64.58 26.61 53.38
CA PHE B 77 64.48 27.56 52.28
C PHE B 77 64.94 26.93 50.97
N SER B 78 65.21 25.63 51.01
CA SER B 78 65.63 24.88 49.83
C SER B 78 64.74 23.66 49.75
N ASP B 79 64.22 23.29 50.91
CA ASP B 79 63.31 22.15 51.05
C ASP B 79 62.05 22.45 50.26
N LYS B 80 61.56 23.68 50.39
CA LYS B 80 60.35 24.11 49.70
C LYS B 80 60.50 24.03 48.17
N LEU B 81 61.36 24.87 47.60
CA LEU B 81 61.55 24.84 46.14
C LEU B 81 62.27 23.59 45.66
N SER B 82 61.60 22.45 45.77
CA SER B 82 62.13 21.14 45.37
C SER B 82 61.13 20.38 44.50
N GLY B 83 61.16 20.65 43.20
CA GLY B 83 60.25 20.00 42.29
C GLY B 83 59.61 20.98 41.34
N THR B 84 60.06 22.23 41.42
CA THR B 84 59.56 23.31 40.56
C THR B 84 60.30 23.25 39.24
N ASP B 85 59.60 23.53 38.15
CA ASP B 85 60.18 23.49 36.81
C ASP B 85 60.62 24.84 36.33
N SER B 86 61.28 24.87 35.17
CA SER B 86 61.77 26.12 34.61
C SER B 86 60.64 26.95 34.03
N GLU B 87 60.89 28.24 33.91
CA GLU B 87 59.90 29.18 33.37
C GLU B 87 59.56 28.85 31.92
N GLU B 88 60.25 27.87 31.36
CA GLU B 88 60.02 27.44 29.98
C GLU B 88 59.23 26.15 30.01
N THR B 89 59.59 25.26 30.93
CA THR B 89 58.86 24.00 31.11
C THR B 89 57.42 24.40 31.34
N ILE B 90 57.20 25.05 32.47
CA ILE B 90 55.89 25.53 32.84
C ILE B 90 55.26 26.18 31.63
N ARG B 91 55.97 27.16 31.08
CA ARG B 91 55.50 27.89 29.92
C ARG B 91 54.95 26.87 28.95
N ASN B 92 55.80 25.93 28.55
CA ASN B 92 55.44 24.89 27.62
C ASN B 92 54.22 24.05 28.04
N ALA B 93 54.13 23.80 29.35
CA ALA B 93 53.02 23.02 29.92
C ALA B 93 51.67 23.66 29.67
N PHE B 94 51.67 24.96 29.40
CA PHE B 94 50.45 25.71 29.13
C PHE B 94 50.08 25.54 27.65
N GLY B 95 50.87 26.15 26.79
CA GLY B 95 50.64 26.08 25.37
C GLY B 95 50.25 24.69 24.83
N MET B 96 50.39 23.63 25.62
CA MET B 96 49.98 22.36 25.06
C MET B 96 48.47 22.51 24.88
N PHE B 97 47.91 23.52 25.55
CA PHE B 97 46.48 23.78 25.48
C PHE B 97 46.18 24.85 24.47
N ASP B 98 47.09 25.82 24.38
CA ASP B 98 46.99 26.88 23.40
C ASP B 98 47.63 26.34 22.12
N GLU B 99 46.81 25.82 21.21
CA GLU B 99 47.33 25.24 19.99
C GLU B 99 47.58 26.18 18.82
N LEU B 100 46.67 27.11 18.59
CA LEU B 100 46.89 28.03 17.47
C LEU B 100 48.00 28.97 17.87
N ASP B 101 48.92 28.48 18.70
CA ASP B 101 50.02 29.29 19.17
C ASP B 101 49.60 30.75 19.38
N THR B 102 48.61 30.97 20.26
CA THR B 102 48.11 32.30 20.56
C THR B 102 48.74 32.88 21.84
N LYS B 103 49.47 32.03 22.56
CA LYS B 103 50.12 32.46 23.78
C LYS B 103 49.06 32.81 24.82
N LYS B 104 47.87 32.22 24.68
CA LYS B 104 46.81 32.51 25.61
C LYS B 104 45.73 31.44 25.75
N LEU B 105 45.28 31.24 26.97
CA LEU B 105 44.23 30.30 27.20
C LEU B 105 43.03 31.14 27.51
N ASN B 106 41.89 30.69 27.02
CA ASN B 106 40.65 31.41 27.28
C ASN B 106 40.42 31.22 28.78
N ILE B 107 39.87 32.23 29.45
CA ILE B 107 39.66 32.11 30.88
C ILE B 107 39.00 30.84 31.40
N GLU B 108 37.80 30.52 30.91
CA GLU B 108 37.07 29.34 31.39
C GLU B 108 37.74 28.02 31.05
N TYR B 109 38.50 28.00 29.97
CA TYR B 109 39.13 26.75 29.60
C TYR B 109 40.20 26.36 30.59
N ILE B 110 40.97 27.31 31.09
CA ILE B 110 42.03 26.99 32.05
C ILE B 110 41.50 26.83 33.46
N LYS B 111 40.36 27.45 33.76
CA LYS B 111 39.82 27.29 35.08
C LYS B 111 39.30 25.89 35.15
N ASP B 112 38.67 25.45 34.06
CA ASP B 112 38.11 24.11 33.99
C ASP B 112 39.21 23.05 34.14
N LEU B 113 40.35 23.34 33.52
CA LEU B 113 41.48 22.44 33.55
C LEU B 113 41.91 22.22 34.95
N LEU B 114 42.18 23.33 35.62
CA LEU B 114 42.66 23.33 36.99
C LEU B 114 41.68 22.75 38.02
N GLU B 115 40.41 23.15 37.93
CA GLU B 115 39.38 22.74 38.87
C GLU B 115 38.57 21.45 38.71
N ASN B 116 38.51 20.87 37.51
CA ASN B 116 37.73 19.62 37.37
C ASN B 116 38.57 18.49 36.90
N MET B 117 39.71 18.79 36.32
CA MET B 117 40.55 17.72 35.80
C MET B 117 41.95 17.74 36.40
N GLY B 118 42.72 16.71 36.08
CA GLY B 118 44.04 16.63 36.63
C GLY B 118 43.77 16.47 38.11
N ASP B 119 44.72 16.93 38.91
CA ASP B 119 44.60 16.88 40.35
C ASP B 119 43.99 18.23 40.71
N ASN B 120 42.67 18.27 40.51
CA ASN B 120 41.80 19.42 40.73
C ASN B 120 42.29 20.38 41.80
N PHE B 121 41.89 21.63 41.68
CA PHE B 121 42.28 22.62 42.65
C PHE B 121 41.04 22.77 43.47
N ASN B 122 41.19 23.02 44.77
CA ASN B 122 40.03 23.22 45.67
C ASN B 122 39.54 24.69 45.57
N LYS B 123 38.27 24.94 45.87
CA LYS B 123 37.73 26.30 45.75
C LYS B 123 38.67 27.38 46.25
N ASP B 124 39.50 27.04 47.24
CA ASP B 124 40.44 27.98 47.79
C ASP B 124 41.63 28.02 46.90
N GLU B 125 42.17 26.84 46.63
CA GLU B 125 43.34 26.71 45.75
C GLU B 125 42.99 27.58 44.54
N MET B 126 41.77 27.40 44.02
CA MET B 126 41.33 28.24 42.91
C MET B 126 41.53 29.69 43.37
N ARG B 127 40.58 30.22 44.14
CA ARG B 127 40.67 31.62 44.58
C ARG B 127 42.08 32.20 44.59
N MET B 128 42.99 31.55 45.27
CA MET B 128 44.35 32.07 45.32
C MET B 128 44.97 32.15 43.95
N THR B 129 44.79 31.10 43.17
CA THR B 129 45.36 31.02 41.83
C THR B 129 45.07 32.13 40.85
N PHE B 130 43.85 32.66 40.89
CA PHE B 130 43.45 33.73 39.98
C PHE B 130 43.21 35.11 40.57
N LYS B 131 43.54 35.32 41.85
CA LYS B 131 43.32 36.62 42.46
C LYS B 131 44.02 37.66 41.60
N GLU B 132 45.34 37.57 41.52
CA GLU B 132 46.07 38.50 40.66
C GLU B 132 46.66 37.68 39.52
N ALA B 133 45.86 37.52 38.48
CA ALA B 133 46.27 36.76 37.30
C ALA B 133 45.91 37.57 36.10
N PRO B 134 46.88 37.85 35.25
CA PRO B 134 46.63 38.65 34.05
C PRO B 134 45.39 38.14 33.34
N VAL B 135 44.39 38.99 33.12
CA VAL B 135 43.21 38.50 32.42
C VAL B 135 42.43 39.62 31.76
N GLU B 136 42.78 39.96 30.53
CA GLU B 136 42.08 41.00 29.80
C GLU B 136 41.12 40.31 28.85
N GLY B 137 39.97 40.93 28.64
CA GLY B 137 38.98 40.39 27.73
C GLY B 137 38.65 38.91 27.78
N GLY B 138 38.96 38.24 28.89
CA GLY B 138 38.62 36.82 28.98
C GLY B 138 39.69 35.90 28.41
N LYS B 139 40.93 36.33 28.49
CA LYS B 139 42.04 35.56 27.99
C LYS B 139 43.26 35.53 28.93
N PHE B 140 43.29 34.52 29.78
CA PHE B 140 44.35 34.32 30.76
C PHE B 140 45.73 34.32 30.07
N ASP B 141 46.53 35.37 30.30
CA ASP B 141 47.85 35.46 29.68
C ASP B 141 48.87 34.62 30.44
N TYR B 142 49.05 33.35 30.05
CA TYR B 142 49.96 32.48 30.78
C TYR B 142 51.45 32.72 30.73
N VAL B 143 51.95 33.25 29.62
CA VAL B 143 53.39 33.48 29.48
C VAL B 143 53.90 34.48 30.50
N ARG B 144 53.00 35.35 30.92
CA ARG B 144 53.35 36.34 31.90
C ARG B 144 53.04 35.80 33.30
N PHE B 145 51.88 35.20 33.44
CA PHE B 145 51.48 34.62 34.72
C PHE B 145 52.58 33.67 35.15
N VAL B 146 53.29 33.11 34.20
CA VAL B 146 54.34 32.20 34.57
C VAL B 146 55.60 33.01 34.76
N ALA B 147 55.43 34.22 35.27
CA ALA B 147 56.53 35.11 35.58
C ALA B 147 56.10 35.58 36.97
N MET B 148 54.83 35.95 37.05
CA MET B 148 54.24 36.37 38.29
C MET B 148 54.63 35.28 39.26
N ILE B 149 54.91 34.11 38.72
CA ILE B 149 55.29 32.97 39.52
C ILE B 149 56.81 32.92 39.68
N LYS B 150 57.49 32.61 38.59
CA LYS B 150 58.94 32.50 38.58
C LYS B 150 59.67 33.80 38.85
N GLY B 151 59.25 34.48 39.92
CA GLY B 151 59.85 35.75 40.30
C GLY B 151 60.52 36.49 39.15
N SER B 152 59.86 36.51 37.99
CA SER B 152 60.37 37.17 36.79
C SER B 152 60.25 38.69 36.86
N PRO C 2 37.14 -12.65 24.56
CA PRO C 2 36.46 -12.96 25.86
C PRO C 2 37.35 -13.60 26.95
N LYS C 3 38.59 -13.12 27.04
CA LYS C 3 39.60 -13.52 28.02
C LYS C 3 40.85 -12.74 27.66
N LEU C 4 40.86 -11.49 28.13
CA LEU C 4 41.96 -10.56 27.88
C LEU C 4 43.22 -11.21 28.32
N SER C 5 44.28 -10.98 27.54
CA SER C 5 45.62 -11.50 27.82
C SER C 5 46.14 -10.53 28.85
N GLN C 6 47.23 -10.88 29.53
CA GLN C 6 47.75 -9.96 30.51
C GLN C 6 48.34 -8.75 29.78
N ASP C 7 48.71 -8.93 28.50
CA ASP C 7 49.17 -7.80 27.72
C ASP C 7 47.92 -6.93 27.66
N GLU C 8 46.91 -7.45 26.96
CA GLU C 8 45.64 -6.77 26.75
C GLU C 8 45.13 -6.06 28.01
N ILE C 9 45.21 -6.71 29.17
CA ILE C 9 44.75 -6.06 30.39
C ILE C 9 45.64 -4.89 30.74
N ASP C 10 46.94 -5.10 30.63
CA ASP C 10 47.90 -4.06 30.96
C ASP C 10 47.46 -2.82 30.22
N ASP C 11 47.24 -2.98 28.90
CA ASP C 11 46.80 -1.89 28.02
C ASP C 11 45.52 -1.23 28.52
N LEU C 12 44.57 -2.04 28.98
CA LEU C 12 43.31 -1.49 29.48
C LEU C 12 43.57 -0.52 30.63
N LYS C 13 44.63 -0.76 31.37
CA LYS C 13 44.97 0.09 32.49
C LYS C 13 45.40 1.48 32.02
N GLU C 14 46.58 1.58 31.45
CA GLU C 14 47.08 2.87 30.96
C GLU C 14 45.97 3.78 30.45
N VAL C 15 45.08 3.22 29.64
CA VAL C 15 43.98 4.00 29.11
C VAL C 15 43.12 4.43 30.24
N PHE C 16 42.52 3.46 30.90
CA PHE C 16 41.68 3.79 31.99
C PHE C 16 42.38 4.75 32.92
N GLU C 17 43.62 4.44 33.23
CA GLU C 17 44.41 5.31 34.12
C GLU C 17 44.37 6.73 33.52
N LEU C 18 44.85 6.86 32.28
CA LEU C 18 44.86 8.16 31.65
C LEU C 18 43.47 8.80 31.59
N PHE C 19 42.44 8.02 31.33
CA PHE C 19 41.14 8.68 31.25
C PHE C 19 40.59 9.11 32.56
N ASP C 20 41.24 8.68 33.64
CA ASP C 20 40.78 9.10 34.94
C ASP C 20 41.57 10.29 35.45
N PHE C 21 42.55 10.73 34.66
CA PHE C 21 43.30 11.91 35.05
C PHE C 21 42.59 13.10 34.40
N TRP C 22 41.51 12.81 33.69
CA TRP C 22 40.77 13.87 33.03
C TRP C 22 39.41 14.16 33.61
N ASP C 23 39.07 13.43 34.66
CA ASP C 23 37.82 13.68 35.34
C ASP C 23 38.28 14.01 36.77
N GLY C 24 39.56 13.73 37.04
CA GLY C 24 40.13 13.98 38.36
C GLY C 24 40.68 12.74 39.03
N ARG C 25 42.00 12.57 39.01
CA ARG C 25 42.63 11.42 39.63
C ARG C 25 41.80 11.01 40.86
N ASP C 26 41.57 9.72 41.01
CA ASP C 26 40.77 9.19 42.09
C ASP C 26 40.44 7.76 41.74
N GLY C 27 40.96 7.30 40.61
CA GLY C 27 40.71 5.94 40.18
C GLY C 27 39.26 5.77 39.79
N ALA C 28 38.69 6.76 39.13
CA ALA C 28 37.30 6.67 38.69
C ALA C 28 37.12 7.34 37.33
N VAL C 29 36.43 6.64 36.44
CA VAL C 29 36.16 7.11 35.08
C VAL C 29 34.66 7.25 34.85
N ASP C 30 34.17 8.46 34.60
CA ASP C 30 32.73 8.67 34.41
C ASP C 30 32.06 7.73 33.41
N ALA C 31 31.04 6.99 33.85
CA ALA C 31 30.34 6.02 32.98
C ALA C 31 30.14 6.51 31.56
N PHE C 32 30.26 7.83 31.39
CA PHE C 32 30.10 8.46 30.10
C PHE C 32 31.29 8.23 29.18
N LYS C 33 32.49 8.15 29.75
CA LYS C 33 33.64 7.96 28.91
C LYS C 33 33.95 6.47 28.71
N ILE C 34 33.17 5.59 29.31
CA ILE C 34 33.48 4.17 29.13
C ILE C 34 33.32 3.71 27.70
N GLY C 35 32.94 4.64 26.83
CA GLY C 35 32.80 4.29 25.44
C GLY C 35 34.07 4.73 24.75
N ASP C 36 34.48 5.96 25.07
CA ASP C 36 35.69 6.59 24.52
C ASP C 36 36.92 5.86 25.00
N VAL C 37 36.81 5.20 26.15
CA VAL C 37 37.95 4.45 26.65
C VAL C 37 38.26 3.26 25.73
N CYS C 38 37.22 2.48 25.44
CA CYS C 38 37.39 1.33 24.57
C CYS C 38 37.94 1.77 23.19
N ARG C 39 37.35 2.83 22.66
CA ARG C 39 37.79 3.34 21.37
C ARG C 39 39.30 3.45 21.41
N CYS C 40 39.84 3.92 22.53
CA CYS C 40 41.28 4.04 22.68
C CYS C 40 41.93 2.70 22.77
N LEU C 41 41.24 1.74 23.38
CA LEU C 41 41.78 0.39 23.50
C LEU C 41 41.76 -0.29 22.13
N GLY C 42 40.69 -0.13 21.35
CA GLY C 42 40.70 -0.77 20.05
C GLY C 42 39.37 -1.22 19.53
N ILE C 43 38.33 -1.05 20.31
CA ILE C 43 37.02 -1.48 19.86
C ILE C 43 36.12 -0.30 19.54
N ASN C 44 35.38 -0.40 18.43
CA ASN C 44 34.48 0.66 17.98
C ASN C 44 33.02 0.26 18.27
N PRO C 45 32.66 0.28 19.55
CA PRO C 45 31.34 -0.08 20.03
C PRO C 45 30.39 1.03 19.71
N ARG C 46 29.11 0.76 19.87
CA ARG C 46 28.12 1.77 19.61
C ARG C 46 27.43 2.25 20.86
N ASN C 47 26.70 3.34 20.70
CA ASN C 47 25.96 3.97 21.79
C ASN C 47 25.01 3.02 22.46
N GLU C 48 24.38 2.13 21.69
CA GLU C 48 23.45 1.16 22.27
C GLU C 48 24.33 0.23 23.09
N ASP C 49 25.36 -0.28 22.43
CA ASP C 49 26.32 -1.19 23.04
C ASP C 49 26.80 -0.69 24.38
N VAL C 50 27.21 0.57 24.46
CA VAL C 50 27.70 1.11 25.73
C VAL C 50 26.60 1.45 26.76
N PHE C 51 25.45 1.93 26.30
CA PHE C 51 24.39 2.27 27.24
C PHE C 51 24.00 1.03 27.98
N ALA C 52 24.20 -0.11 27.32
CA ALA C 52 23.86 -1.40 27.91
C ALA C 52 25.03 -2.10 28.58
N VAL C 53 25.77 -1.38 29.43
CA VAL C 53 26.92 -1.90 30.18
C VAL C 53 27.24 -0.94 31.31
N GLY C 54 26.38 0.06 31.47
CA GLY C 54 26.57 1.04 32.51
C GLY C 54 26.45 2.43 31.95
N GLY C 55 27.07 2.62 30.79
CA GLY C 55 27.09 3.90 30.10
C GLY C 55 26.00 4.93 30.34
N THR C 56 26.37 6.06 30.93
CA THR C 56 25.42 7.11 31.20
C THR C 56 25.31 8.03 30.01
N HIS C 57 24.11 8.57 29.79
CA HIS C 57 23.88 9.46 28.66
C HIS C 57 24.53 10.81 28.91
N LYS C 58 24.62 11.22 30.18
CA LYS C 58 25.23 12.51 30.45
C LYS C 58 26.41 12.33 31.39
N MET C 59 27.40 13.19 31.22
CA MET C 59 28.59 13.15 32.05
C MET C 59 28.28 13.46 33.50
N GLY C 60 28.98 12.79 34.39
CA GLY C 60 28.76 13.05 35.79
C GLY C 60 27.40 12.62 36.27
N GLU C 61 27.11 11.33 36.12
CA GLU C 61 25.84 10.77 36.56
C GLU C 61 26.13 9.53 37.36
N LYS C 62 27.35 9.01 37.15
CA LYS C 62 27.83 7.80 37.80
C LYS C 62 29.27 7.55 37.37
N SER C 63 30.17 7.40 38.33
CA SER C 63 31.57 7.14 37.99
C SER C 63 31.92 5.66 38.20
N LEU C 64 32.93 5.20 37.47
CA LEU C 64 33.33 3.80 37.56
C LEU C 64 34.75 3.56 38.04
N PRO C 65 34.93 2.46 38.77
CA PRO C 65 36.22 2.02 39.31
C PRO C 65 36.75 0.98 38.32
N PHE C 66 38.06 0.80 38.28
CA PHE C 66 38.62 -0.17 37.35
C PHE C 66 38.03 -1.54 37.60
N GLU C 67 37.78 -1.84 38.86
CA GLU C 67 37.21 -3.13 39.21
C GLU C 67 35.82 -3.28 38.61
N GLU C 68 35.12 -2.16 38.41
CA GLU C 68 33.77 -2.16 37.86
C GLU C 68 33.85 -2.09 36.34
N PHE C 69 34.81 -1.31 35.89
CA PHE C 69 35.07 -1.05 34.49
C PHE C 69 35.43 -2.26 33.66
N LEU C 70 36.53 -2.91 34.01
CA LEU C 70 37.00 -4.10 33.31
C LEU C 70 35.82 -4.98 32.90
N PRO C 71 34.89 -5.27 33.83
CA PRO C 71 33.73 -6.10 33.48
C PRO C 71 33.11 -5.61 32.19
N ALA C 72 32.68 -4.35 32.20
CA ALA C 72 32.05 -3.75 31.05
C ALA C 72 32.91 -3.83 29.82
N TYR C 73 34.23 -3.71 29.95
CA TYR C 73 35.08 -3.78 28.78
C TYR C 73 34.97 -5.15 28.10
N GLU C 74 34.33 -6.10 28.76
CA GLU C 74 34.11 -7.45 28.22
C GLU C 74 32.98 -7.35 27.22
N GLY C 75 31.80 -7.03 27.73
CA GLY C 75 30.62 -6.90 26.92
C GLY C 75 30.85 -6.15 25.63
N LEU C 76 31.73 -5.16 25.65
CA LEU C 76 32.01 -4.38 24.46
C LEU C 76 32.94 -5.06 23.45
N MET C 77 33.88 -5.86 23.92
CA MET C 77 34.81 -6.54 23.02
C MET C 77 34.10 -7.37 21.97
N ASP C 78 32.96 -7.95 22.36
CA ASP C 78 32.18 -8.81 21.48
C ASP C 78 31.26 -8.10 20.48
N CYS C 79 30.70 -6.96 20.86
CA CYS C 79 29.82 -6.16 19.99
C CYS C 79 30.18 -6.13 18.52
N GLU C 80 29.26 -6.63 17.70
CA GLU C 80 29.41 -6.68 16.26
C GLU C 80 30.16 -5.51 15.62
N GLN C 81 31.37 -5.72 15.13
CA GLN C 81 32.03 -4.61 14.51
C GLN C 81 31.79 -4.69 12.98
N GLY C 82 31.45 -3.55 12.34
CA GLY C 82 31.21 -3.52 10.90
C GLY C 82 32.41 -3.93 10.05
N THR C 83 32.24 -4.01 8.73
CA THR C 83 33.32 -4.42 7.83
C THR C 83 33.27 -3.64 6.54
N TYR C 84 34.34 -3.71 5.76
CA TYR C 84 34.38 -2.97 4.50
C TYR C 84 33.19 -3.20 3.62
N ALA C 85 32.75 -4.46 3.53
CA ALA C 85 31.61 -4.82 2.70
C ALA C 85 30.36 -4.29 3.41
N ASP C 86 30.26 -4.62 4.69
CA ASP C 86 29.13 -4.20 5.50
C ASP C 86 28.89 -2.75 5.19
N TYR C 87 29.97 -1.97 5.19
CA TYR C 87 29.84 -0.55 4.92
C TYR C 87 29.61 -0.31 3.43
N MET C 88 30.61 -0.48 2.60
CA MET C 88 30.43 -0.25 1.18
C MET C 88 28.97 -0.50 0.77
N GLU C 89 28.56 -1.75 0.93
CA GLU C 89 27.21 -2.19 0.59
C GLU C 89 26.09 -1.21 1.02
N ALA C 90 26.16 -0.71 2.24
CA ALA C 90 25.15 0.22 2.72
C ALA C 90 25.34 1.55 2.01
N PHE C 91 26.60 2.01 1.92
CA PHE C 91 26.82 3.27 1.25
C PHE C 91 26.48 3.08 -0.21
N LYS C 92 26.27 1.84 -0.62
CA LYS C 92 25.97 1.66 -2.02
C LYS C 92 24.49 1.86 -2.33
N THR C 93 23.62 1.83 -1.32
CA THR C 93 22.19 2.01 -1.58
C THR C 93 21.76 3.46 -1.76
N PHE C 94 22.72 4.37 -1.88
CA PHE C 94 22.38 5.76 -2.10
C PHE C 94 22.99 6.15 -3.44
N ASP C 95 23.97 5.36 -3.88
CA ASP C 95 24.65 5.63 -5.14
C ASP C 95 23.80 5.20 -6.32
N ARG C 96 22.68 5.89 -6.51
CA ARG C 96 21.79 5.60 -7.61
C ARG C 96 22.60 5.63 -8.89
N GLU C 97 23.50 6.60 -9.02
CA GLU C 97 24.34 6.70 -10.22
C GLU C 97 25.09 5.37 -10.38
N GLY C 98 25.33 4.69 -9.26
CA GLY C 98 26.03 3.42 -9.30
C GLY C 98 27.45 3.45 -9.82
N GLN C 99 28.25 4.44 -9.41
CA GLN C 99 29.64 4.53 -9.88
C GLN C 99 30.61 4.86 -8.73
N GLY C 100 30.13 4.72 -7.50
CA GLY C 100 30.98 4.97 -6.33
C GLY C 100 30.87 6.37 -5.80
N PHE C 101 29.86 7.10 -6.25
CA PHE C 101 29.64 8.47 -5.85
C PHE C 101 28.31 8.67 -5.15
N ILE C 102 28.25 9.70 -4.33
CA ILE C 102 27.06 10.05 -3.56
C ILE C 102 27.11 11.55 -3.19
N SER C 103 25.99 12.23 -3.34
CA SER C 103 25.93 13.66 -3.04
C SER C 103 26.69 14.07 -1.81
N GLY C 104 27.50 15.11 -1.93
CA GLY C 104 28.24 15.56 -0.77
C GLY C 104 27.32 15.74 0.43
N ALA C 105 26.11 16.25 0.20
CA ALA C 105 25.16 16.50 1.28
C ALA C 105 24.46 15.21 1.69
N GLU C 106 24.22 14.34 0.72
CA GLU C 106 23.61 13.05 1.01
C GLU C 106 24.44 12.46 2.16
N LEU C 107 25.73 12.26 1.89
CA LEU C 107 26.66 11.72 2.87
C LEU C 107 26.37 12.37 4.21
N ARG C 108 26.63 13.67 4.30
CA ARG C 108 26.37 14.40 5.53
C ARG C 108 25.07 13.94 6.15
N HIS C 109 24.08 13.68 5.30
CA HIS C 109 22.79 13.22 5.78
C HIS C 109 22.94 11.85 6.43
N VAL C 110 23.57 10.92 5.71
CA VAL C 110 23.79 9.59 6.25
C VAL C 110 24.40 9.70 7.65
N LEU C 111 25.62 10.23 7.72
CA LEU C 111 26.41 10.40 8.94
C LEU C 111 25.77 11.17 10.13
N SER C 112 24.83 12.07 9.87
CA SER C 112 24.22 12.77 11.00
C SER C 112 22.73 12.98 10.87
N GLY C 113 22.11 12.22 9.96
CA GLY C 113 20.66 12.28 9.76
C GLY C 113 20.04 10.90 9.89
N LEU C 114 20.88 9.87 9.99
CA LEU C 114 20.41 8.51 10.10
C LEU C 114 20.98 7.80 11.32
N GLY C 115 20.42 6.63 11.61
CA GLY C 115 20.83 5.81 12.74
C GLY C 115 21.21 6.61 13.97
N GLU C 116 22.45 6.43 14.44
CA GLU C 116 22.93 7.18 15.61
C GLU C 116 23.59 8.44 15.06
N ARG C 117 22.77 9.45 14.79
CA ARG C 117 23.24 10.72 14.25
C ARG C 117 24.50 11.21 14.96
N LEU C 118 25.52 11.55 14.18
CA LEU C 118 26.75 12.09 14.73
C LEU C 118 26.46 13.55 14.96
N SER C 119 27.49 14.34 15.23
CA SER C 119 27.35 15.78 15.46
C SER C 119 28.05 16.50 14.33
N ASP C 120 27.39 17.50 13.78
CA ASP C 120 27.96 18.27 12.69
C ASP C 120 29.44 18.58 12.89
N GLU C 121 29.83 18.91 14.13
CA GLU C 121 31.23 19.20 14.38
C GLU C 121 31.98 17.91 14.06
N GLU C 122 31.48 16.81 14.62
CA GLU C 122 32.06 15.48 14.42
C GLU C 122 32.16 15.04 12.97
N VAL C 123 31.15 15.36 12.16
CA VAL C 123 31.16 15.00 10.75
C VAL C 123 32.24 15.80 10.07
N ASP C 124 32.39 17.02 10.56
CA ASP C 124 33.39 17.92 10.02
C ASP C 124 34.77 17.42 10.40
N GLU C 125 34.96 17.12 11.68
CA GLU C 125 36.25 16.66 12.17
C GLU C 125 36.83 15.52 11.33
N ILE C 126 36.00 14.52 11.03
CA ILE C 126 36.42 13.35 10.27
C ILE C 126 36.57 13.70 8.80
N ILE C 127 35.67 14.54 8.31
CA ILE C 127 35.72 14.96 6.92
C ILE C 127 36.99 15.76 6.71
N ASN C 128 37.35 16.54 7.73
CA ASN C 128 38.53 17.37 7.70
C ASN C 128 39.82 16.56 7.94
N LEU C 129 39.73 15.53 8.78
CA LEU C 129 40.86 14.66 9.14
C LEU C 129 41.27 13.64 8.09
N THR C 130 40.39 13.39 7.12
CA THR C 130 40.65 12.42 6.06
C THR C 130 40.77 13.09 4.71
N ASP C 131 40.60 14.40 4.71
CA ASP C 131 40.64 15.17 3.48
C ASP C 131 39.84 14.43 2.42
N LEU C 132 38.55 14.35 2.65
CA LEU C 132 37.64 13.72 1.71
C LEU C 132 37.28 14.90 0.83
N GLN C 133 38.26 15.37 0.08
CA GLN C 133 38.03 16.51 -0.78
C GLN C 133 36.82 16.33 -1.67
N GLU C 134 35.75 17.06 -1.37
CA GLU C 134 34.54 16.99 -2.17
C GLU C 134 35.00 17.48 -3.52
N ASP C 135 34.78 16.70 -4.58
CA ASP C 135 35.24 17.11 -5.91
C ASP C 135 34.24 17.90 -6.76
N LEU C 136 34.76 18.46 -7.85
CA LEU C 136 34.03 19.23 -8.85
C LEU C 136 32.58 19.63 -8.52
N GLU C 137 31.63 18.76 -8.86
CA GLU C 137 30.20 18.99 -8.66
C GLU C 137 29.68 18.61 -7.28
N GLY C 138 30.57 18.50 -6.31
CA GLY C 138 30.17 18.15 -4.97
C GLY C 138 29.92 16.66 -4.85
N ASN C 139 30.96 15.88 -5.12
CA ASN C 139 30.83 14.43 -5.05
C ASN C 139 32.10 13.79 -4.49
N VAL C 140 31.91 12.72 -3.74
CA VAL C 140 33.02 11.98 -3.13
C VAL C 140 32.88 10.49 -3.41
N LYS C 141 34.00 9.79 -3.42
CA LYS C 141 33.97 8.35 -3.64
C LYS C 141 33.79 7.69 -2.28
N TYR C 142 32.56 7.34 -1.95
CA TYR C 142 32.26 6.72 -0.67
C TYR C 142 33.16 5.54 -0.43
N GLU C 143 33.76 5.01 -1.49
CA GLU C 143 34.67 3.89 -1.30
C GLU C 143 35.84 4.37 -0.45
N GLU C 144 36.67 5.23 -1.02
CA GLU C 144 37.86 5.74 -0.34
C GLU C 144 37.63 6.45 0.97
N PHE C 145 36.44 6.98 1.19
CA PHE C 145 36.14 7.60 2.47
C PHE C 145 35.99 6.46 3.45
N VAL C 146 35.33 5.39 2.99
CA VAL C 146 35.08 4.19 3.78
C VAL C 146 36.34 3.36 4.01
N LYS C 147 37.38 3.56 3.21
CA LYS C 147 38.60 2.81 3.49
C LYS C 147 39.50 3.61 4.44
N LYS C 148 39.51 4.92 4.31
CA LYS C 148 40.34 5.72 5.23
C LYS C 148 39.89 5.51 6.69
N VAL C 149 38.69 5.99 7.02
CA VAL C 149 38.16 5.88 8.39
C VAL C 149 38.44 4.53 9.00
N MET C 150 38.49 3.53 8.15
CA MET C 150 38.71 2.18 8.61
C MET C 150 40.15 1.94 8.95
N THR C 151 41.05 2.54 8.19
CA THR C 151 42.46 2.35 8.48
C THR C 151 42.97 3.29 9.55
N GLY C 152 42.05 3.86 10.33
CA GLY C 152 42.45 4.73 11.42
C GLY C 152 43.14 6.03 11.08
N PRO C 153 43.56 6.81 12.09
CA PRO C 153 44.24 8.07 11.81
C PRO C 153 45.75 7.98 11.72
N TYR C 154 46.28 6.79 11.98
CA TYR C 154 47.73 6.60 11.89
C TYR C 154 48.01 5.48 10.90
N PRO C 155 48.09 5.85 9.59
CA PRO C 155 48.32 5.07 8.36
C PRO C 155 49.41 3.97 8.30
N ASP C 156 49.10 2.92 7.53
CA ASP C 156 50.02 1.81 7.31
C ASP C 156 50.98 2.15 6.15
MG MG D . 70.93 35.76 65.48
CA CA E . 35.24 10.91 38.43
#